data_2YJQ
#
_entry.id   2YJQ
#
_cell.length_a   84.200
_cell.length_b   84.200
_cell.length_c   320.050
_cell.angle_alpha   90.00
_cell.angle_beta   90.00
_cell.angle_gamma   120.00
#
_symmetry.space_group_name_H-M   'P 32 2 1'
#
loop_
_entity.id
_entity.type
_entity.pdbx_description
1 polymer CEL44C
2 branched beta-D-glucopyranose-(1-4)-beta-D-glucopyranose
3 non-polymer TETRAHYDROOXAZINE
4 non-polymer 'CALCIUM ION'
5 non-polymer 1,2-ETHANEDIOL
6 non-polymer 'CHLORIDE ION'
7 non-polymer 'SULFATE ION'
8 non-polymer 'TRIETHYLENE GLYCOL'
9 water water
#
_entity_poly.entity_id   1
_entity_poly.type   'polypeptide(L)'
_entity_poly.pdbx_seq_one_letter_code
;VVHGQTAKTITIKVDTFKDRKPISPYIYGTNQDLAGDENMAARRLGGNRMTGYNWENNMSNAGSDWQHSSDNYLCSNGGL
TQAECEKPGAVVTSFHDQSLKLGTYSLVTLPMAGYVAADGNGSVQESEAAPSARWNQVVNAKNAPFQLQPDLNDNYVYVD
EFVHFLVNKYGTASTKAGVKGYALDNEPALWSHTHPRIHPEKVGAKELVDRSVSLSKAVKAIDAGAEVFGPVLYGFGAYK
DLQTAPDWDSVKGNYSWFVDYYLDQMRLSSQVEGKRLLDVFDVHWYPEAMGGGIRITNEVGNDETKKARMQAPRTLWDPT
YKEDSWIAQWFSEFLPILPRLKQSVDKYYPGTKLAMTSYSYGGENDISGGIAMTDVLGILGKNDVYMANYWKLKDGVNNY
VSAAYKLYRNYDGKNSTFGDTSVSAQTSDIVNSSVHASVTNASDKELHLVVMNKSMDSAFDAQFDLSGAKTYISGKVWGF
DKNSSQIKEAAPITQISGNRFTYTVPPLTAYHIVLTTGNYTSPV
;
_entity_poly.pdbx_strand_id   A,B
#
# COMPACT_ATOMS: atom_id res chain seq x y z
N ALA A 7 10.24 41.73 -5.03
CA ALA A 7 9.13 40.74 -5.12
C ALA A 7 8.09 41.10 -6.21
N LYS A 8 7.89 40.17 -7.16
CA LYS A 8 6.81 40.18 -8.21
C LYS A 8 5.33 40.34 -7.75
N THR A 9 4.57 41.09 -8.53
CA THR A 9 3.14 41.26 -8.37
C THR A 9 2.48 40.61 -9.60
N ILE A 10 1.46 39.76 -9.39
CA ILE A 10 0.67 39.22 -10.50
C ILE A 10 -0.77 39.69 -10.24
N THR A 11 -1.57 39.85 -11.29
CA THR A 11 -2.99 40.20 -11.17
C THR A 11 -3.83 39.04 -11.66
N ILE A 12 -4.93 38.86 -10.96
CA ILE A 12 -5.84 37.81 -11.21
C ILE A 12 -7.18 38.45 -11.34
N LYS A 13 -7.86 38.22 -12.46
CA LYS A 13 -9.20 38.79 -12.60
C LYS A 13 -10.23 37.70 -12.61
N VAL A 14 -11.13 37.72 -11.65
CA VAL A 14 -12.13 36.68 -11.54
C VAL A 14 -13.44 37.35 -11.93
N ASP A 15 -14.26 36.67 -12.74
CA ASP A 15 -15.56 37.21 -13.12
C ASP A 15 -16.71 36.23 -12.92
N THR A 16 -17.51 36.39 -11.88
CA THR A 16 -18.58 35.41 -11.67
C THR A 16 -19.70 35.39 -12.71
N PHE A 17 -19.73 36.39 -13.60
CA PHE A 17 -20.73 36.46 -14.68
C PHE A 17 -20.34 35.56 -15.85
N LYS A 18 -19.03 35.43 -16.06
CA LYS A 18 -18.42 35.01 -17.29
C LYS A 18 -18.05 33.50 -17.33
N ASP A 19 -18.29 32.83 -18.45
CA ASP A 19 -17.93 31.42 -18.60
C ASP A 19 -18.38 30.53 -17.42
N ARG A 20 -19.60 30.75 -16.95
CA ARG A 20 -20.20 29.85 -15.98
C ARG A 20 -20.49 28.47 -16.64
N LYS A 21 -20.13 27.39 -15.95
CA LYS A 21 -20.35 26.04 -16.46
C LYS A 21 -20.25 24.99 -15.37
N PRO A 22 -21.18 24.02 -15.38
CA PRO A 22 -21.21 22.93 -14.39
C PRO A 22 -19.87 22.13 -14.31
N ILE A 23 -19.43 21.77 -13.09
CA ILE A 23 -18.22 21.03 -12.94
C ILE A 23 -18.74 19.66 -12.62
N SER A 24 -18.43 18.70 -13.50
CA SER A 24 -18.77 17.35 -13.20
C SER A 24 -18.04 16.89 -11.92
N PRO A 25 -18.82 16.43 -10.96
CA PRO A 25 -18.09 15.97 -9.76
C PRO A 25 -17.22 14.72 -10.01
N TYR A 26 -17.52 13.95 -11.04
CA TYR A 26 -16.75 12.72 -11.30
C TYR A 26 -15.37 12.99 -11.85
N ILE A 27 -14.99 14.27 -12.02
CA ILE A 27 -13.54 14.59 -12.18
C ILE A 27 -12.76 14.33 -10.87
N TYR A 28 -13.44 14.23 -9.73
CA TYR A 28 -12.73 13.94 -8.51
C TYR A 28 -12.82 12.43 -8.32
N GLY A 29 -11.96 11.74 -9.05
CA GLY A 29 -12.01 10.29 -9.01
C GLY A 29 -10.68 9.61 -9.07
N THR A 30 -10.72 8.31 -8.84
CA THR A 30 -9.51 7.54 -8.66
C THR A 30 -9.70 6.06 -9.11
N ASN A 31 -8.58 5.43 -9.40
CA ASN A 31 -8.55 3.95 -9.56
C ASN A 31 -8.34 3.33 -8.17
N GLN A 32 -7.21 3.50 -7.57
CA GLN A 32 -6.94 2.89 -6.26
C GLN A 32 -7.39 3.90 -5.26
N ASP A 33 -8.04 3.46 -4.19
CA ASP A 33 -8.30 4.35 -3.05
C ASP A 33 -6.98 4.84 -2.45
N LEU A 34 -6.97 6.13 -2.04
CA LEU A 34 -5.77 6.77 -1.51
C LEU A 34 -5.82 6.70 0.01
N ALA A 35 -5.73 7.82 0.71
CA ALA A 35 -5.77 7.71 2.15
C ALA A 35 -7.21 7.40 2.67
N GLY A 36 -8.26 7.92 2.03
CA GLY A 36 -9.65 7.62 2.46
C GLY A 36 -10.37 8.86 3.01
N ASP A 37 -9.67 9.99 3.02
CA ASP A 37 -10.26 11.29 3.40
C ASP A 37 -10.24 12.33 2.24
N GLU A 38 -10.02 11.86 1.00
CA GLU A 38 -10.01 12.72 -0.19
C GLU A 38 -11.45 13.09 -0.70
N ASN A 39 -12.51 12.42 -0.19
CA ASN A 39 -13.91 12.73 -0.58
C ASN A 39 -14.15 12.54 -2.06
N MET A 40 -13.62 11.43 -2.60
CA MET A 40 -13.76 11.16 -4.01
C MET A 40 -15.26 11.15 -4.39
N ALA A 41 -15.59 11.46 -5.66
CA ALA A 41 -16.96 11.25 -6.20
C ALA A 41 -17.14 10.05 -7.12
N ALA A 42 -16.05 9.51 -7.68
CA ALA A 42 -16.09 8.38 -8.61
C ALA A 42 -14.93 7.44 -8.39
N ARG A 43 -15.19 6.15 -8.65
CA ARG A 43 -14.17 5.13 -8.50
C ARG A 43 -14.23 4.18 -9.70
N ARG A 44 -13.05 3.79 -10.17
CA ARG A 44 -12.91 2.84 -11.30
C ARG A 44 -12.16 1.53 -10.91
N LEU A 45 -12.59 0.41 -11.47
CA LEU A 45 -11.95 -0.90 -11.32
C LEU A 45 -11.52 -1.22 -12.72
N GLY A 46 -10.26 -1.01 -13.06
CA GLY A 46 -9.82 -1.08 -14.45
C GLY A 46 -8.32 -1.32 -14.41
N GLY A 47 -7.61 -1.03 -15.50
CA GLY A 47 -6.18 -1.34 -15.62
C GLY A 47 -5.89 -2.74 -16.17
N ASN A 48 -4.62 -3.01 -16.40
CA ASN A 48 -4.14 -4.26 -17.06
C ASN A 48 -4.77 -5.54 -16.50
N ARG A 49 -4.88 -5.62 -15.20
CA ARG A 49 -5.41 -6.82 -14.58
C ARG A 49 -6.85 -7.19 -14.90
N MET A 50 -7.67 -6.18 -15.29
CA MET A 50 -9.11 -6.43 -15.54
C MET A 50 -9.43 -7.07 -16.88
N THR A 51 -8.53 -6.88 -17.84
CA THR A 51 -8.66 -7.56 -19.16
C THR A 51 -8.98 -9.06 -18.99
N GLY A 52 -8.25 -9.76 -18.12
CA GLY A 52 -8.40 -11.21 -18.10
C GLY A 52 -9.06 -11.71 -16.84
N TYR A 53 -9.75 -10.78 -16.14
CA TYR A 53 -10.40 -11.10 -14.91
C TYR A 53 -11.63 -11.91 -15.23
N ASN A 54 -11.82 -13.02 -14.51
CA ASN A 54 -12.93 -13.96 -14.74
C ASN A 54 -13.92 -13.82 -13.57
N TRP A 55 -15.10 -13.25 -13.76
CA TRP A 55 -15.94 -13.05 -12.58
C TRP A 55 -16.39 -14.35 -11.87
N GLU A 56 -16.35 -15.49 -12.57
CA GLU A 56 -16.87 -16.69 -11.94
C GLU A 56 -15.98 -17.16 -10.84
N ASN A 57 -14.66 -17.00 -10.96
CA ASN A 57 -13.71 -17.52 -9.95
C ASN A 57 -12.70 -16.41 -9.45
N ASN A 58 -12.79 -15.20 -9.97
CA ASN A 58 -12.04 -14.03 -9.49
C ASN A 58 -10.60 -14.11 -9.86
N MET A 59 -10.26 -15.11 -10.67
CA MET A 59 -8.92 -15.21 -11.14
C MET A 59 -8.65 -14.13 -12.20
N SER A 60 -7.37 -13.80 -12.40
CA SER A 60 -7.01 -12.86 -13.43
C SER A 60 -5.55 -13.14 -13.82
N ASN A 61 -5.04 -12.40 -14.82
CA ASN A 61 -3.70 -12.60 -15.31
C ASN A 61 -2.90 -11.32 -15.45
N ALA A 62 -1.67 -11.35 -14.99
CA ALA A 62 -0.81 -10.16 -14.98
C ALA A 62 -0.28 -9.71 -16.30
N GLY A 63 -0.31 -10.59 -17.32
CA GLY A 63 0.27 -10.25 -18.61
C GLY A 63 1.73 -9.88 -18.41
N SER A 64 2.26 -9.01 -19.28
CA SER A 64 3.65 -8.55 -19.13
C SER A 64 4.07 -7.87 -17.84
N ASP A 65 3.14 -7.43 -17.00
CA ASP A 65 3.52 -6.89 -15.71
C ASP A 65 4.17 -7.88 -14.70
N TRP A 66 3.79 -9.15 -14.68
CA TRP A 66 4.37 -10.15 -13.77
CA TRP A 66 4.43 -10.14 -13.81
C TRP A 66 4.23 -11.52 -14.40
N GLN A 67 5.12 -11.84 -15.34
CA GLN A 67 5.34 -13.21 -15.88
C GLN A 67 4.07 -13.98 -16.22
N HIS A 68 3.10 -13.22 -16.75
CA HIS A 68 1.86 -13.76 -17.31
C HIS A 68 1.23 -14.69 -16.35
N SER A 69 1.31 -14.30 -15.09
CA SER A 69 0.80 -15.11 -14.04
C SER A 69 -0.69 -14.98 -13.93
N SER A 70 -1.38 -16.11 -14.01
CA SER A 70 -2.76 -16.25 -13.59
C SER A 70 -2.80 -16.63 -12.12
N ASP A 71 -3.50 -15.81 -11.32
CA ASP A 71 -3.49 -15.98 -9.86
C ASP A 71 -4.60 -15.17 -9.18
N ASN A 72 -4.63 -15.13 -7.84
CA ASN A 72 -5.73 -14.50 -7.12
C ASN A 72 -5.34 -13.08 -6.65
N TYR A 73 -4.41 -12.48 -7.37
CA TYR A 73 -3.97 -11.13 -7.05
C TYR A 73 -5.14 -10.13 -6.79
N LEU A 74 -6.21 -10.15 -7.58
CA LEU A 74 -7.28 -9.16 -7.31
C LEU A 74 -7.97 -9.38 -5.95
N CYS A 75 -8.03 -10.64 -5.51
CA CYS A 75 -8.68 -10.94 -4.22
C CYS A 75 -7.78 -10.50 -3.10
N SER A 76 -6.51 -10.75 -3.25
CA SER A 76 -5.59 -10.45 -2.18
C SER A 76 -5.34 -8.94 -2.11
N ASN A 77 -5.07 -8.34 -3.24
CA ASN A 77 -4.96 -6.88 -3.30
C ASN A 77 -6.28 -6.21 -2.86
N GLY A 78 -7.40 -6.91 -2.96
CA GLY A 78 -8.68 -6.29 -2.64
C GLY A 78 -9.11 -6.59 -1.22
N GLY A 79 -8.24 -7.21 -0.43
CA GLY A 79 -8.53 -7.50 0.99
C GLY A 79 -9.46 -8.64 1.30
N LEU A 80 -9.63 -9.53 0.32
CA LEU A 80 -10.58 -10.63 0.37
C LEU A 80 -9.98 -11.87 1.04
N THR A 81 -10.75 -12.59 1.84
CA THR A 81 -10.31 -13.90 2.33
C THR A 81 -10.47 -14.86 1.19
N GLN A 82 -9.89 -16.05 1.37
CA GLN A 82 -10.01 -17.13 0.43
C GLN A 82 -11.47 -17.53 0.21
N ALA A 83 -12.27 -17.68 1.25
CA ALA A 83 -13.68 -17.97 1.05
C ALA A 83 -14.37 -16.92 0.20
N GLU A 84 -13.99 -15.65 0.38
CA GLU A 84 -14.56 -14.56 -0.43
C GLU A 84 -14.05 -14.65 -1.85
N CYS A 85 -12.74 -14.78 -2.06
CA CYS A 85 -12.19 -15.08 -3.38
C CYS A 85 -12.95 -16.22 -4.12
N GLU A 86 -13.65 -17.09 -3.38
CA GLU A 86 -14.35 -18.23 -4.02
C GLU A 86 -15.77 -17.95 -4.45
N LYS A 87 -16.29 -16.82 -4.00
CA LYS A 87 -17.62 -16.34 -4.35
C LYS A 87 -17.62 -15.62 -5.69
N PRO A 88 -18.37 -16.15 -6.70
CA PRO A 88 -18.52 -15.40 -7.98
C PRO A 88 -18.80 -13.91 -7.76
N GLY A 89 -18.06 -13.10 -8.46
CA GLY A 89 -18.26 -11.64 -8.45
C GLY A 89 -17.59 -10.83 -7.36
N ALA A 90 -16.92 -11.52 -6.42
CA ALA A 90 -16.49 -10.89 -5.18
C ALA A 90 -15.52 -9.70 -5.36
N VAL A 91 -14.55 -9.81 -6.29
CA VAL A 91 -13.64 -8.67 -6.50
C VAL A 91 -14.49 -7.47 -6.80
N VAL A 92 -15.49 -7.65 -7.63
CA VAL A 92 -16.30 -6.56 -8.16
C VAL A 92 -17.37 -6.03 -7.17
N THR A 93 -18.05 -6.95 -6.48
CA THR A 93 -19.07 -6.60 -5.46
C THR A 93 -18.42 -5.96 -4.20
N SER A 94 -17.24 -6.45 -3.85
CA SER A 94 -16.51 -5.85 -2.77
C SER A 94 -16.13 -4.39 -3.19
N PHE A 95 -15.44 -4.19 -4.32
CA PHE A 95 -15.28 -2.84 -4.93
C PHE A 95 -16.60 -1.99 -4.95
N HIS A 96 -17.69 -2.57 -5.43
CA HIS A 96 -18.89 -1.73 -5.55
C HIS A 96 -19.54 -1.42 -4.21
N ASP A 97 -19.55 -2.41 -3.31
CA ASP A 97 -19.89 -2.17 -1.90
C ASP A 97 -19.10 -0.98 -1.36
N GLN A 98 -17.80 -0.94 -1.54
CA GLN A 98 -17.05 0.25 -1.14
C GLN A 98 -17.61 1.53 -1.77
N SER A 99 -18.00 1.48 -3.04
CA SER A 99 -18.44 2.68 -3.70
C SER A 99 -19.69 3.22 -2.97
N LEU A 100 -20.57 2.29 -2.56
CA LEU A 100 -21.85 2.64 -1.97
C LEU A 100 -21.70 3.27 -0.60
N LYS A 101 -20.73 2.77 0.12
CA LYS A 101 -20.38 3.22 1.44
C LYS A 101 -19.84 4.64 1.25
N LEU A 102 -19.07 4.89 0.19
CA LEU A 102 -18.39 6.18 0.04
C LEU A 102 -19.28 7.15 -0.70
N GLY A 103 -20.40 6.67 -1.22
CA GLY A 103 -21.26 7.47 -2.10
C GLY A 103 -20.66 7.74 -3.48
N THR A 104 -19.85 6.81 -4.04
CA THR A 104 -19.21 7.14 -5.35
C THR A 104 -19.89 6.50 -6.54
N TYR A 105 -19.69 7.06 -7.70
CA TYR A 105 -19.93 6.36 -8.96
C TYR A 105 -18.95 5.17 -9.09
N SER A 106 -19.44 4.02 -9.53
CA SER A 106 -18.57 2.89 -9.90
C SER A 106 -18.44 2.73 -11.42
N LEU A 107 -17.22 2.68 -11.90
CA LEU A 107 -16.94 2.30 -13.29
C LEU A 107 -16.28 0.87 -13.26
N VAL A 108 -16.82 -0.10 -13.98
CA VAL A 108 -16.37 -1.55 -13.83
C VAL A 108 -15.96 -2.04 -15.21
N THR A 109 -14.70 -2.41 -15.35
CA THR A 109 -14.25 -2.85 -16.65
C THR A 109 -14.81 -4.22 -16.95
N LEU A 110 -15.13 -4.46 -18.23
CA LEU A 110 -15.63 -5.75 -18.71
C LEU A 110 -14.68 -6.33 -19.76
N PRO A 111 -14.65 -7.64 -19.93
CA PRO A 111 -13.59 -8.20 -20.75
C PRO A 111 -13.95 -8.22 -22.20
N MET A 112 -13.00 -7.80 -23.05
CA MET A 112 -13.23 -7.86 -24.49
C MET A 112 -12.05 -8.47 -25.31
N ALA A 113 -10.86 -8.63 -24.74
CA ALA A 113 -9.75 -9.23 -25.51
C ALA A 113 -10.02 -10.69 -25.98
N GLY A 114 -10.95 -11.40 -25.39
CA GLY A 114 -11.35 -12.70 -25.93
C GLY A 114 -11.38 -13.77 -24.84
N TYR A 115 -10.45 -13.71 -23.89
CA TYR A 115 -10.48 -14.81 -22.88
C TYR A 115 -10.24 -14.29 -21.48
N VAL A 116 -10.58 -15.13 -20.50
CA VAL A 116 -10.24 -14.79 -19.13
C VAL A 116 -9.64 -16.01 -18.41
N ALA A 117 -8.85 -15.76 -17.36
CA ALA A 117 -8.14 -16.78 -16.59
C ALA A 117 -9.02 -17.91 -16.11
N ALA A 118 -8.73 -19.15 -16.48
CA ALA A 118 -9.47 -20.28 -15.95
C ALA A 118 -8.95 -20.78 -14.59
N ASP A 119 -7.81 -20.29 -14.15
CA ASP A 119 -7.22 -20.84 -12.94
C ASP A 119 -6.28 -19.79 -12.33
N GLY A 120 -5.76 -20.13 -11.13
CA GLY A 120 -4.79 -19.32 -10.45
C GLY A 120 -3.45 -20.00 -10.22
N ASN A 121 -3.02 -20.85 -11.18
CA ASN A 121 -1.80 -21.64 -11.01
C ASN A 121 -0.57 -20.96 -11.38
N GLY A 122 -0.61 -19.69 -11.77
CA GLY A 122 0.61 -18.99 -12.09
C GLY A 122 0.86 -18.81 -13.57
N SER A 123 2.13 -18.62 -13.90
CA SER A 123 2.62 -18.24 -15.17
C SER A 123 2.06 -19.03 -16.35
N VAL A 124 1.60 -18.32 -17.39
CA VAL A 124 1.04 -18.97 -18.59
C VAL A 124 2.08 -18.86 -19.68
N GLN A 125 2.64 -19.98 -20.18
CA GLN A 125 3.78 -19.83 -21.18
C GLN A 125 3.28 -19.59 -22.58
N GLU A 126 4.17 -19.10 -23.47
N GLU A 126 4.14 -19.04 -23.44
CA GLU A 126 3.81 -18.82 -24.86
CA GLU A 126 3.83 -18.88 -24.85
C GLU A 126 3.16 -19.97 -25.62
C GLU A 126 2.95 -19.98 -25.41
N SER A 127 3.37 -21.20 -25.16
CA SER A 127 2.79 -22.33 -25.83
C SER A 127 1.39 -22.57 -25.31
N GLU A 128 1.05 -22.01 -24.13
CA GLU A 128 -0.35 -22.06 -23.59
C GLU A 128 -1.32 -20.85 -23.92
N ALA A 129 -0.88 -19.89 -24.72
CA ALA A 129 -1.75 -18.81 -25.19
C ALA A 129 -3.14 -19.35 -25.59
N ALA A 130 -4.17 -18.51 -25.52
CA ALA A 130 -5.54 -18.94 -25.78
C ALA A 130 -5.82 -19.34 -27.27
N PRO A 131 -6.74 -20.31 -27.54
CA PRO A 131 -7.50 -21.19 -26.63
C PRO A 131 -6.57 -22.26 -25.96
N SER A 132 -6.69 -22.47 -24.65
CA SER A 132 -5.87 -23.47 -23.93
C SER A 132 -6.56 -23.72 -22.62
N ALA A 133 -6.21 -24.80 -21.91
CA ALA A 133 -6.90 -25.15 -20.65
C ALA A 133 -6.73 -24.05 -19.58
N ARG A 134 -5.80 -23.12 -19.82
CA ARG A 134 -5.55 -21.95 -18.96
C ARG A 134 -6.57 -20.82 -19.14
N TRP A 135 -7.37 -20.87 -20.21
CA TRP A 135 -8.24 -19.78 -20.54
C TRP A 135 -9.69 -20.20 -20.76
N ASN A 136 -10.62 -19.44 -20.21
CA ASN A 136 -12.03 -19.60 -20.59
C ASN A 136 -12.41 -18.59 -21.64
N GLN A 137 -13.33 -18.97 -22.54
CA GLN A 137 -13.73 -18.04 -23.60
C GLN A 137 -14.85 -17.06 -23.14
N VAL A 138 -14.66 -15.79 -23.45
CA VAL A 138 -15.66 -14.78 -23.24
C VAL A 138 -16.75 -14.80 -24.30
N VAL A 139 -18.00 -14.83 -23.85
CA VAL A 139 -19.14 -14.77 -24.74
C VAL A 139 -20.00 -13.59 -24.23
N ASN A 140 -20.25 -12.62 -25.10
CA ASN A 140 -21.05 -11.43 -24.74
C ASN A 140 -22.51 -11.76 -24.35
N ALA A 141 -23.23 -12.44 -25.24
CA ALA A 141 -24.62 -12.82 -24.93
C ALA A 141 -24.85 -14.30 -24.71
N LYS A 142 -25.13 -14.71 -23.48
CA LYS A 142 -25.45 -16.10 -23.20
C LYS A 142 -26.57 -16.77 -24.03
N ASN A 143 -27.62 -16.00 -24.38
CA ASN A 143 -28.76 -16.55 -25.14
C ASN A 143 -29.37 -17.81 -24.52
N ALA A 144 -29.51 -17.78 -23.21
CA ALA A 144 -30.07 -18.86 -22.42
C ALA A 144 -30.41 -18.25 -21.03
N PRO A 145 -31.28 -18.92 -20.23
CA PRO A 145 -31.63 -18.49 -18.87
C PRO A 145 -30.36 -18.30 -18.02
N PHE A 146 -30.30 -17.19 -17.26
CA PHE A 146 -29.11 -16.77 -16.50
C PHE A 146 -29.01 -17.55 -15.19
N GLN A 147 -27.79 -17.79 -14.76
CA GLN A 147 -27.61 -18.45 -13.50
C GLN A 147 -26.92 -17.44 -12.61
N LEU A 148 -27.46 -17.18 -11.40
CA LEU A 148 -26.79 -16.35 -10.41
C LEU A 148 -25.57 -17.04 -9.92
N GLN A 149 -25.58 -18.37 -9.92
CA GLN A 149 -24.32 -19.09 -9.62
C GLN A 149 -23.89 -19.72 -10.93
N PRO A 150 -22.89 -19.14 -11.61
CA PRO A 150 -22.54 -19.56 -12.97
C PRO A 150 -21.94 -20.95 -13.01
N ASP A 151 -22.04 -21.57 -14.16
CA ASP A 151 -21.41 -22.85 -14.41
C ASP A 151 -19.90 -22.70 -14.43
N LEU A 152 -19.25 -23.23 -13.41
CA LEU A 152 -17.80 -23.23 -13.24
C LEU A 152 -17.09 -24.35 -14.04
N ASN A 153 -17.87 -25.25 -14.63
CA ASN A 153 -17.30 -26.45 -15.23
C ASN A 153 -17.17 -26.43 -16.75
N ASP A 154 -17.84 -25.46 -17.40
CA ASP A 154 -17.71 -25.32 -18.88
C ASP A 154 -16.49 -24.47 -19.28
N ASN A 155 -16.40 -24.15 -20.56
CA ASN A 155 -15.26 -23.40 -21.09
C ASN A 155 -15.59 -21.96 -21.40
N TYR A 156 -16.70 -21.46 -20.79
CA TYR A 156 -17.22 -20.14 -21.14
C TYR A 156 -17.42 -19.20 -19.93
N VAL A 157 -17.25 -17.90 -20.16
CA VAL A 157 -17.72 -16.89 -19.18
C VAL A 157 -18.67 -15.96 -19.92
N TYR A 158 -19.90 -15.83 -19.44
CA TYR A 158 -20.86 -14.98 -20.11
C TYR A 158 -20.92 -13.57 -19.51
N VAL A 159 -20.69 -12.55 -20.32
CA VAL A 159 -20.61 -11.22 -19.78
C VAL A 159 -22.01 -10.68 -19.47
N ASP A 160 -22.96 -10.78 -20.39
CA ASP A 160 -24.31 -10.35 -20.05
C ASP A 160 -24.86 -11.08 -18.79
N GLU A 161 -24.50 -12.34 -18.57
CA GLU A 161 -24.85 -13.02 -17.30
C GLU A 161 -24.25 -12.33 -16.02
N PHE A 162 -23.06 -11.76 -16.16
CA PHE A 162 -22.44 -11.09 -15.04
C PHE A 162 -23.18 -9.75 -14.80
N VAL A 163 -23.56 -9.05 -15.87
CA VAL A 163 -24.30 -7.80 -15.70
C VAL A 163 -25.66 -8.07 -15.00
N HIS A 164 -26.31 -9.16 -15.36
CA HIS A 164 -27.55 -9.58 -14.71
C HIS A 164 -27.38 -9.95 -13.25
N PHE A 165 -26.22 -10.51 -12.93
CA PHE A 165 -25.85 -10.78 -11.54
C PHE A 165 -25.73 -9.47 -10.75
N LEU A 166 -25.09 -8.45 -11.34
CA LEU A 166 -24.95 -7.17 -10.68
C LEU A 166 -26.33 -6.51 -10.53
N VAL A 167 -27.10 -6.44 -11.59
CA VAL A 167 -28.43 -5.84 -11.50
C VAL A 167 -29.36 -6.65 -10.47
N ASN A 168 -29.23 -7.96 -10.45
CA ASN A 168 -30.03 -8.69 -9.47
C ASN A 168 -29.66 -8.32 -8.01
N LYS A 169 -28.35 -8.08 -7.78
CA LYS A 169 -27.87 -7.82 -6.45
C LYS A 169 -28.06 -6.36 -6.11
N TYR A 170 -27.89 -5.45 -7.08
CA TYR A 170 -27.91 -4.00 -6.82
C TYR A 170 -29.05 -3.16 -7.45
N GLY A 171 -29.89 -3.74 -8.31
CA GLY A 171 -30.76 -2.88 -9.14
C GLY A 171 -29.99 -2.27 -10.35
N THR A 172 -30.74 -1.75 -11.32
CA THR A 172 -30.22 -1.07 -12.51
C THR A 172 -29.46 0.21 -12.17
N ALA A 173 -28.69 0.65 -13.15
CA ALA A 173 -27.83 1.80 -13.04
C ALA A 173 -28.59 3.07 -12.64
N SER A 174 -29.84 3.20 -13.05
CA SER A 174 -30.61 4.40 -12.70
C SER A 174 -31.04 4.37 -11.23
N THR A 175 -31.04 3.19 -10.60
CA THR A 175 -31.17 3.13 -9.14
C THR A 175 -30.03 3.75 -8.33
N LYS A 176 -30.30 4.00 -7.06
CA LYS A 176 -29.32 4.62 -6.20
C LYS A 176 -28.12 3.71 -5.97
N ALA A 177 -28.37 2.42 -5.80
CA ALA A 177 -27.32 1.45 -5.56
C ALA A 177 -26.72 0.73 -6.80
N GLY A 178 -27.10 1.10 -7.99
CA GLY A 178 -26.70 0.28 -9.15
C GLY A 178 -25.31 0.62 -9.64
N VAL A 179 -24.64 -0.34 -10.30
CA VAL A 179 -23.40 -0.04 -11.04
C VAL A 179 -23.74 0.78 -12.26
N LYS A 180 -23.14 1.96 -12.39
CA LYS A 180 -23.55 2.94 -13.40
C LYS A 180 -22.75 2.93 -14.69
N GLY A 181 -21.49 2.58 -14.63
CA GLY A 181 -20.66 2.61 -15.83
C GLY A 181 -19.98 1.26 -16.10
N TYR A 182 -19.79 0.88 -17.38
CA TYR A 182 -19.00 -0.30 -17.75
C TYR A 182 -18.01 0.11 -18.81
N ALA A 183 -16.76 -0.34 -18.68
CA ALA A 183 -15.71 0.00 -19.67
C ALA A 183 -15.42 -1.19 -20.54
N LEU A 184 -15.15 -0.90 -21.81
CA LEU A 184 -14.88 -1.92 -22.81
C LEU A 184 -13.37 -2.30 -22.74
N ASP A 185 -13.09 -3.24 -21.81
CA ASP A 185 -11.73 -3.73 -21.55
C ASP A 185 -10.86 -2.52 -21.24
N ASN A 186 -9.58 -2.60 -21.61
CA ASN A 186 -8.56 -1.69 -21.14
C ASN A 186 -7.44 -1.72 -22.13
N GLU A 187 -6.95 -0.56 -22.53
CA GLU A 187 -5.85 -0.43 -23.50
C GLU A 187 -5.74 -1.50 -24.62
N PRO A 188 -6.78 -1.59 -25.42
CA PRO A 188 -6.74 -2.67 -26.39
C PRO A 188 -5.59 -2.57 -27.43
N ALA A 189 -5.01 -1.40 -27.66
CA ALA A 189 -3.92 -1.29 -28.65
C ALA A 189 -2.67 -1.82 -28.00
N LEU A 190 -2.71 -2.04 -26.70
CA LEU A 190 -1.59 -2.76 -26.07
C LEU A 190 -1.89 -4.27 -25.80
N TRP A 191 -3.06 -4.78 -26.20
CA TRP A 191 -3.32 -6.19 -25.91
C TRP A 191 -2.15 -7.12 -26.31
N SER A 192 -1.63 -6.91 -27.50
CA SER A 192 -0.62 -7.84 -28.05
C SER A 192 0.70 -7.66 -27.33
N HIS A 193 0.88 -6.52 -26.66
CA HIS A 193 2.09 -6.26 -25.87
C HIS A 193 1.93 -6.62 -24.39
N THR A 194 0.83 -6.18 -23.80
CA THR A 194 0.55 -6.43 -22.41
C THR A 194 0.03 -7.82 -22.21
N HIS A 195 -0.92 -8.26 -23.05
CA HIS A 195 -1.57 -9.54 -22.90
C HIS A 195 -1.35 -10.51 -24.11
N PRO A 196 -0.07 -10.76 -24.43
CA PRO A 196 0.08 -11.71 -25.57
C PRO A 196 -0.52 -13.09 -25.31
N ARG A 197 -0.63 -13.58 -24.12
CA ARG A 197 -1.26 -14.92 -24.01
C ARG A 197 -2.73 -14.89 -24.25
N ILE A 198 -3.31 -13.68 -24.35
CA ILE A 198 -4.75 -13.65 -24.57
C ILE A 198 -4.95 -13.34 -25.99
N HIS A 199 -4.24 -12.34 -26.48
CA HIS A 199 -4.59 -11.75 -27.77
C HIS A 199 -3.30 -11.35 -28.41
N PRO A 200 -2.55 -12.34 -28.92
CA PRO A 200 -1.21 -12.05 -29.50
C PRO A 200 -1.14 -11.18 -30.76
N GLU A 201 -2.16 -11.17 -31.63
CA GLU A 201 -2.10 -10.34 -32.86
C GLU A 201 -2.37 -8.87 -32.44
N LYS A 202 -1.81 -7.91 -33.17
CA LYS A 202 -2.14 -6.50 -32.99
C LYS A 202 -3.62 -6.29 -33.30
N VAL A 203 -4.35 -5.69 -32.34
CA VAL A 203 -5.77 -5.45 -32.54
C VAL A 203 -6.02 -4.63 -33.81
N GLY A 204 -7.01 -5.02 -34.62
CA GLY A 204 -7.39 -4.15 -35.78
C GLY A 204 -8.42 -3.02 -35.42
N ALA A 205 -8.42 -1.93 -36.20
CA ALA A 205 -9.39 -0.84 -36.06
C ALA A 205 -10.83 -1.36 -36.19
N LYS A 206 -11.10 -2.14 -37.23
CA LYS A 206 -12.45 -2.63 -37.45
C LYS A 206 -12.82 -3.64 -36.35
N GLU A 207 -11.89 -4.57 -36.15
CA GLU A 207 -11.96 -5.52 -35.05
C GLU A 207 -12.42 -4.79 -33.79
N LEU A 208 -11.68 -3.76 -33.42
CA LEU A 208 -11.99 -3.07 -32.15
C LEU A 208 -13.46 -2.57 -32.14
N VAL A 209 -13.87 -1.97 -33.26
CA VAL A 209 -15.25 -1.47 -33.42
C VAL A 209 -16.25 -2.62 -33.28
N ASP A 210 -16.00 -3.74 -33.97
CA ASP A 210 -17.00 -4.84 -33.95
C ASP A 210 -17.10 -5.42 -32.58
N ARG A 211 -15.96 -5.55 -31.91
CA ARG A 211 -16.01 -6.07 -30.54
C ARG A 211 -16.75 -5.08 -29.62
N SER A 212 -16.51 -3.78 -29.80
CA SER A 212 -17.11 -2.77 -28.93
C SER A 212 -18.65 -2.78 -29.07
N VAL A 213 -19.10 -2.85 -30.33
CA VAL A 213 -20.52 -2.79 -30.65
C VAL A 213 -21.22 -3.99 -30.08
N SER A 214 -20.67 -5.19 -30.36
CA SER A 214 -21.24 -6.40 -29.80
C SER A 214 -21.28 -6.43 -28.24
N LEU A 215 -20.22 -6.06 -27.57
CA LEU A 215 -20.25 -6.04 -26.09
C LEU A 215 -21.22 -4.95 -25.57
N SER A 216 -21.22 -3.76 -26.19
CA SER A 216 -22.16 -2.70 -25.78
C SER A 216 -23.59 -3.18 -25.91
N LYS A 217 -23.93 -3.80 -27.03
CA LYS A 217 -25.27 -4.36 -27.18
C LYS A 217 -25.63 -5.36 -26.11
N ALA A 218 -24.75 -6.28 -25.75
CA ALA A 218 -25.24 -7.25 -24.79
C ALA A 218 -25.39 -6.58 -23.39
N VAL A 219 -24.53 -5.62 -23.10
CA VAL A 219 -24.62 -4.88 -21.82
C VAL A 219 -25.96 -4.15 -21.76
N LYS A 220 -26.22 -3.36 -22.81
CA LYS A 220 -27.36 -2.51 -22.81
C LYS A 220 -28.66 -3.32 -22.84
N ALA A 221 -28.65 -4.51 -23.44
CA ALA A 221 -29.87 -5.33 -23.38
C ALA A 221 -30.26 -5.74 -21.95
N ILE A 222 -29.28 -5.79 -21.04
CA ILE A 222 -29.57 -6.03 -19.61
C ILE A 222 -29.91 -4.74 -18.85
N ASP A 223 -29.09 -3.71 -19.06
CA ASP A 223 -29.27 -2.47 -18.34
C ASP A 223 -29.08 -1.33 -19.32
N ALA A 224 -30.21 -0.84 -19.82
CA ALA A 224 -30.25 0.18 -20.86
C ALA A 224 -29.86 1.51 -20.23
N GLY A 225 -29.92 1.61 -18.91
CA GLY A 225 -29.26 2.76 -18.22
C GLY A 225 -27.74 2.84 -17.99
N ALA A 226 -27.02 1.75 -18.19
CA ALA A 226 -25.60 1.73 -17.93
C ALA A 226 -24.81 2.60 -18.90
N GLU A 227 -23.81 3.31 -18.40
CA GLU A 227 -22.98 4.04 -19.32
C GLU A 227 -21.81 3.13 -19.78
N VAL A 228 -21.58 3.13 -21.08
CA VAL A 228 -20.53 2.30 -21.69
C VAL A 228 -19.39 3.20 -22.15
N PHE A 229 -18.20 2.92 -21.64
CA PHE A 229 -17.01 3.77 -21.86
C PHE A 229 -16.04 3.02 -22.80
N GLY A 230 -15.43 3.72 -23.78
CA GLY A 230 -14.51 3.11 -24.75
C GLY A 230 -13.80 4.23 -25.49
N PRO A 231 -12.67 3.92 -26.12
CA PRO A 231 -12.04 2.67 -26.24
C PRO A 231 -10.98 2.40 -25.16
N VAL A 232 -10.79 3.32 -24.20
CA VAL A 232 -9.85 3.14 -23.07
C VAL A 232 -8.43 3.09 -23.63
N LEU A 233 -8.13 4.05 -24.51
CA LEU A 233 -6.83 4.11 -25.24
C LEU A 233 -5.71 4.44 -24.26
N TYR A 234 -4.57 3.75 -24.36
CA TYR A 234 -3.44 4.02 -23.42
C TYR A 234 -2.74 5.38 -23.53
N GLY A 235 -2.78 6.00 -24.69
CA GLY A 235 -1.83 7.11 -24.90
C GLY A 235 -1.82 7.49 -26.37
N PHE A 236 -1.00 8.47 -26.72
CA PHE A 236 -1.12 9.09 -28.02
C PHE A 236 -0.99 8.13 -29.21
N GLY A 237 -0.06 7.17 -29.15
CA GLY A 237 0.15 6.25 -30.26
C GLY A 237 -1.15 5.52 -30.57
N ALA A 238 -1.94 5.21 -29.55
CA ALA A 238 -3.23 4.60 -29.79
C ALA A 238 -4.23 5.63 -30.33
N TYR A 239 -4.20 6.87 -29.80
CA TYR A 239 -5.14 7.92 -30.27
C TYR A 239 -4.89 8.13 -31.79
N LYS A 240 -3.61 8.07 -32.15
CA LYS A 240 -3.22 8.39 -33.53
C LYS A 240 -3.63 7.32 -34.50
N ASP A 241 -3.12 6.11 -34.34
CA ASP A 241 -3.42 5.07 -35.34
C ASP A 241 -3.63 3.68 -34.74
N LEU A 242 -4.12 3.67 -33.48
CA LEU A 242 -4.31 2.46 -32.69
C LEU A 242 -3.01 1.62 -32.70
N GLN A 243 -1.92 2.34 -32.46
CA GLN A 243 -0.58 1.81 -32.30
C GLN A 243 -0.20 1.02 -33.57
N THR A 244 -0.29 1.68 -34.72
CA THR A 244 -0.06 1.09 -36.03
C THR A 244 -0.97 -0.11 -36.26
N ALA A 245 -2.27 0.04 -36.10
CA ALA A 245 -3.13 -1.12 -36.38
C ALA A 245 -2.84 -1.66 -37.81
N PRO A 246 -2.87 -3.00 -37.99
CA PRO A 246 -2.57 -3.48 -39.34
C PRO A 246 -3.52 -2.91 -40.43
N ASP A 247 -4.81 -2.67 -40.12
CA ASP A 247 -5.81 -2.39 -41.13
C ASP A 247 -6.06 -0.88 -41.22
N TRP A 248 -5.19 -0.08 -40.61
CA TRP A 248 -5.37 1.40 -40.49
C TRP A 248 -5.41 2.08 -41.83
N ASP A 249 -4.33 1.96 -42.61
CA ASP A 249 -4.25 2.55 -43.95
C ASP A 249 -5.44 2.19 -44.81
N SER A 250 -6.03 1.02 -44.59
CA SER A 250 -7.20 0.73 -45.37
C SER A 250 -8.52 1.36 -44.82
N VAL A 251 -8.57 1.75 -43.55
CA VAL A 251 -9.85 2.22 -43.05
C VAL A 251 -9.84 3.71 -42.81
N LYS A 252 -8.65 4.31 -42.76
CA LYS A 252 -8.49 5.68 -42.34
C LYS A 252 -9.21 6.76 -43.16
N GLY A 253 -9.38 6.55 -44.48
CA GLY A 253 -10.01 7.51 -45.41
C GLY A 253 -9.83 9.00 -45.14
N ASN A 254 -10.89 9.71 -44.78
CA ASN A 254 -10.74 11.16 -44.47
C ASN A 254 -10.23 11.43 -43.04
N TYR A 255 -10.63 10.56 -42.09
CA TYR A 255 -10.32 10.72 -40.63
C TYR A 255 -8.89 11.15 -40.37
N SER A 256 -8.68 12.13 -39.48
CA SER A 256 -7.33 12.61 -39.06
C SER A 256 -6.59 11.73 -38.02
N TRP A 257 -7.30 10.85 -37.35
CA TRP A 257 -6.68 9.91 -36.44
C TRP A 257 -7.67 8.87 -35.95
N PHE A 258 -7.18 7.89 -35.19
CA PHE A 258 -8.07 6.76 -34.87
C PHE A 258 -9.30 7.25 -34.07
N VAL A 259 -9.07 8.32 -33.31
CA VAL A 259 -10.11 8.94 -32.48
C VAL A 259 -11.35 9.27 -33.29
N ASP A 260 -11.14 9.78 -34.52
CA ASP A 260 -12.29 10.19 -35.34
C ASP A 260 -12.88 8.95 -35.85
N TYR A 261 -12.03 8.01 -36.26
CA TYR A 261 -12.54 6.76 -36.81
C TYR A 261 -13.42 6.02 -35.81
N TYR A 262 -13.01 5.94 -34.57
CA TYR A 262 -13.87 5.28 -33.54
C TYR A 262 -15.14 6.04 -33.14
N LEU A 263 -15.02 7.33 -32.92
CA LEU A 263 -16.22 8.14 -32.72
C LEU A 263 -17.22 7.93 -33.91
N ASP A 264 -16.77 8.16 -35.14
CA ASP A 264 -17.70 8.07 -36.26
C ASP A 264 -18.33 6.69 -36.37
N GLN A 265 -17.50 5.65 -36.31
CA GLN A 265 -18.02 4.27 -36.52
C GLN A 265 -18.94 3.85 -35.36
N MET A 266 -18.61 4.34 -34.18
CA MET A 266 -19.49 4.14 -33.03
C MET A 266 -20.88 4.85 -33.24
N ARG A 267 -20.85 6.06 -33.80
CA ARG A 267 -22.10 6.79 -34.19
CA ARG A 267 -22.12 6.78 -34.17
C ARG A 267 -22.92 6.00 -35.20
N LEU A 268 -22.25 5.53 -36.28
CA LEU A 268 -22.92 4.74 -37.35
C LEU A 268 -23.55 3.50 -36.85
N SER A 269 -22.82 2.71 -36.08
CA SER A 269 -23.44 1.50 -35.54
C SER A 269 -24.57 1.78 -34.58
N SER A 270 -24.46 2.87 -33.85
CA SER A 270 -25.51 3.26 -32.92
C SER A 270 -26.78 3.64 -33.69
N GLN A 271 -26.61 4.46 -34.73
CA GLN A 271 -27.70 4.75 -35.68
C GLN A 271 -28.34 3.47 -36.17
N VAL A 272 -27.55 2.52 -36.73
CA VAL A 272 -28.17 1.27 -37.19
C VAL A 272 -28.88 0.45 -36.13
N GLU A 273 -28.35 0.46 -34.89
CA GLU A 273 -28.97 -0.24 -33.75
CA GLU A 273 -29.00 -0.25 -33.80
C GLU A 273 -30.20 0.52 -33.23
N GLY A 274 -30.14 1.84 -33.34
CA GLY A 274 -31.19 2.72 -32.83
C GLY A 274 -31.11 3.03 -31.33
N LYS A 275 -29.90 2.90 -30.77
CA LYS A 275 -29.56 3.40 -29.43
C LYS A 275 -28.12 3.81 -29.37
N ARG A 276 -27.80 4.77 -28.52
CA ARG A 276 -26.41 5.15 -28.27
C ARG A 276 -25.58 3.98 -27.68
N LEU A 277 -24.49 3.59 -28.35
CA LEU A 277 -23.72 2.41 -27.87
C LEU A 277 -22.44 2.81 -27.21
N LEU A 278 -22.02 4.06 -27.48
CA LEU A 278 -20.89 4.64 -26.82
C LEU A 278 -21.37 5.89 -26.00
N ASP A 279 -21.33 5.84 -24.69
CA ASP A 279 -21.72 7.00 -23.83
C ASP A 279 -20.58 7.88 -23.49
N VAL A 280 -19.38 7.28 -23.25
CA VAL A 280 -18.23 8.10 -22.90
C VAL A 280 -16.97 7.74 -23.74
N PHE A 281 -16.30 8.74 -24.30
CA PHE A 281 -15.04 8.55 -24.96
C PHE A 281 -13.91 8.49 -23.95
N ASP A 282 -13.16 7.39 -23.92
CA ASP A 282 -12.38 7.08 -22.71
C ASP A 282 -10.90 7.04 -23.08
N VAL A 283 -10.08 7.85 -22.41
CA VAL A 283 -8.62 7.74 -22.62
C VAL A 283 -7.80 7.69 -21.33
N HIS A 284 -6.52 7.27 -21.48
CA HIS A 284 -5.54 7.40 -20.43
C HIS A 284 -4.48 8.35 -20.95
N TRP A 285 -3.86 9.05 -20.01
CA TRP A 285 -2.95 10.06 -20.34
C TRP A 285 -1.85 10.06 -19.27
N TYR A 286 -0.70 9.47 -19.63
CA TYR A 286 0.51 9.53 -18.81
C TYR A 286 1.44 10.43 -19.56
N PRO A 287 1.67 11.66 -19.07
CA PRO A 287 2.51 12.68 -19.74
C PRO A 287 3.86 12.12 -20.21
N GLU A 288 4.24 12.43 -21.46
CA GLU A 288 5.62 12.20 -21.98
C GLU A 288 6.56 13.37 -21.73
N ALA A 289 6.03 14.39 -21.09
CA ALA A 289 6.80 15.57 -20.75
C ALA A 289 8.09 15.25 -19.97
N MET A 290 9.21 15.83 -20.42
CA MET A 290 10.53 15.70 -19.80
CA MET A 290 10.50 15.70 -19.75
C MET A 290 11.05 17.01 -19.15
N GLY A 291 11.99 16.85 -18.21
CA GLY A 291 12.79 17.89 -17.50
C GLY A 291 14.02 17.14 -16.93
N GLY A 292 15.21 17.75 -17.08
CA GLY A 292 16.48 17.16 -16.73
C GLY A 292 16.67 15.71 -17.12
N GLY A 293 16.26 15.34 -18.32
CA GLY A 293 16.55 13.99 -18.82
C GLY A 293 15.53 12.94 -18.40
N ILE A 294 14.48 13.35 -17.68
CA ILE A 294 13.61 12.38 -17.00
C ILE A 294 12.16 12.63 -17.37
N ARG A 295 11.49 11.58 -17.81
CA ARG A 295 10.05 11.64 -17.97
C ARG A 295 9.37 11.77 -16.59
N ILE A 296 8.42 12.72 -16.48
CA ILE A 296 7.83 13.15 -15.17
C ILE A 296 7.08 12.01 -14.46
N THR A 297 6.60 11.05 -15.25
CA THR A 297 5.90 9.91 -14.68
C THR A 297 6.86 8.82 -14.08
N ASN A 298 8.14 8.86 -14.41
CA ASN A 298 9.03 7.75 -14.01
C ASN A 298 9.56 7.83 -12.57
N GLU A 299 9.89 9.05 -12.16
CA GLU A 299 10.51 9.32 -10.87
C GLU A 299 10.41 10.83 -10.63
N VAL A 300 10.53 11.21 -9.37
CA VAL A 300 10.45 12.58 -8.98
C VAL A 300 11.46 13.47 -9.72
N GLY A 301 12.72 13.03 -9.79
CA GLY A 301 13.75 13.78 -10.58
C GLY A 301 14.40 15.01 -9.93
N ASN A 302 15.08 15.80 -10.77
CA ASN A 302 15.77 17.02 -10.36
C ASN A 302 14.91 18.29 -10.50
N ASP A 303 15.53 19.45 -10.34
CA ASP A 303 14.75 20.69 -10.27
C ASP A 303 14.04 20.89 -11.58
N GLU A 304 14.71 20.50 -12.65
CA GLU A 304 14.20 20.69 -13.99
C GLU A 304 13.08 19.70 -14.28
N THR A 305 13.20 18.50 -13.72
CA THR A 305 12.11 17.54 -13.77
C THR A 305 10.84 18.07 -13.06
N LYS A 306 11.06 18.71 -11.92
CA LYS A 306 10.04 19.16 -11.06
C LYS A 306 9.36 20.37 -11.67
N LYS A 307 10.15 21.24 -12.32
CA LYS A 307 9.59 22.37 -13.09
C LYS A 307 8.74 21.87 -14.29
N ALA A 308 9.27 20.90 -15.02
CA ALA A 308 8.54 20.38 -16.13
C ALA A 308 7.24 19.71 -15.67
N ARG A 309 7.22 19.14 -14.46
CA ARG A 309 6.00 18.48 -13.90
C ARG A 309 4.95 19.50 -13.64
N MET A 310 5.37 20.63 -13.09
CA MET A 310 4.45 21.71 -12.80
C MET A 310 3.88 22.46 -14.05
N GLN A 311 4.61 22.46 -15.16
CA GLN A 311 4.13 23.05 -16.42
C GLN A 311 3.28 22.12 -17.26
N ALA A 312 3.56 20.81 -17.16
CA ALA A 312 2.94 19.83 -18.04
C ALA A 312 1.44 19.94 -18.14
N PRO A 313 0.76 20.29 -17.03
CA PRO A 313 -0.69 20.32 -17.18
C PRO A 313 -1.21 21.35 -18.23
N ARG A 314 -0.35 22.26 -18.64
CA ARG A 314 -0.69 23.27 -19.72
C ARG A 314 -0.86 22.56 -21.08
N THR A 315 -0.20 21.44 -21.28
CA THR A 315 -0.39 20.65 -22.52
C THR A 315 -1.85 20.23 -22.67
N LEU A 316 -2.58 20.20 -21.55
CA LEU A 316 -3.98 19.82 -21.63
C LEU A 316 -4.84 20.86 -22.30
N TRP A 317 -4.46 22.14 -22.18
CA TRP A 317 -5.44 23.22 -22.52
C TRP A 317 -4.83 24.39 -23.27
N ASP A 318 -3.52 24.61 -23.12
CA ASP A 318 -2.88 25.88 -23.48
C ASP A 318 -2.32 25.87 -24.90
N PRO A 319 -2.95 26.60 -25.84
CA PRO A 319 -2.39 26.58 -27.21
C PRO A 319 -0.95 27.10 -27.30
N THR A 320 -0.57 27.99 -26.41
CA THR A 320 0.76 28.57 -26.50
C THR A 320 1.90 27.67 -25.96
N TYR A 321 1.59 26.49 -25.41
CA TYR A 321 2.63 25.74 -24.66
C TYR A 321 3.22 24.53 -25.38
N LYS A 322 4.56 24.48 -25.40
CA LYS A 322 5.25 23.41 -26.10
C LYS A 322 6.16 22.67 -25.11
N GLU A 323 5.61 21.55 -24.59
CA GLU A 323 6.33 20.71 -23.62
C GLU A 323 7.54 20.04 -24.32
N ASP A 324 8.56 19.64 -23.57
CA ASP A 324 9.62 18.81 -24.17
C ASP A 324 9.19 17.31 -24.21
N SER A 325 8.66 16.82 -25.32
CA SER A 325 8.31 15.39 -25.47
C SER A 325 8.14 15.01 -26.96
N TRP A 326 8.18 13.73 -27.31
CA TRP A 326 8.04 13.38 -28.73
C TRP A 326 6.68 13.76 -29.32
N ILE A 327 5.70 13.77 -28.44
CA ILE A 327 4.38 14.15 -28.86
C ILE A 327 4.41 15.62 -29.33
N ALA A 328 4.91 16.53 -28.50
CA ALA A 328 4.94 17.94 -28.87
C ALA A 328 5.90 18.23 -30.06
N GLN A 329 6.93 17.39 -30.23
CA GLN A 329 7.94 17.51 -31.32
C GLN A 329 7.42 17.20 -32.73
N TRP A 330 6.65 16.11 -32.84
CA TRP A 330 6.20 15.56 -34.14
C TRP A 330 4.72 15.67 -34.39
N PHE A 331 3.93 16.00 -33.36
CA PHE A 331 2.47 15.99 -33.46
C PHE A 331 1.83 17.14 -32.72
N SER A 332 2.54 18.26 -32.65
CA SER A 332 2.03 19.45 -31.98
C SER A 332 0.66 19.84 -32.48
N GLU A 333 0.28 19.49 -33.72
CA GLU A 333 -1.04 19.90 -34.21
C GLU A 333 -2.19 19.22 -33.43
N PHE A 334 -1.87 18.20 -32.61
CA PHE A 334 -2.91 17.50 -31.83
C PHE A 334 -2.95 17.98 -30.37
N LEU A 335 -2.09 18.95 -30.04
CA LEU A 335 -2.05 19.55 -28.73
C LEU A 335 -2.53 20.97 -28.87
N PRO A 336 -3.08 21.53 -27.79
CA PRO A 336 -3.40 20.92 -26.50
C PRO A 336 -4.49 19.88 -26.61
N ILE A 337 -4.41 18.88 -25.77
CA ILE A 337 -5.07 17.64 -26.08
C ILE A 337 -6.56 17.67 -25.76
N LEU A 338 -7.02 18.35 -24.73
CA LEU A 338 -8.51 18.32 -24.44
C LEU A 338 -9.33 19.03 -25.52
N PRO A 339 -8.94 20.26 -25.91
CA PRO A 339 -9.67 20.86 -27.07
C PRO A 339 -9.65 19.98 -28.33
N ARG A 340 -8.47 19.41 -28.62
CA ARG A 340 -8.35 18.49 -29.78
C ARG A 340 -9.29 17.28 -29.68
N LEU A 341 -9.34 16.64 -28.53
CA LEU A 341 -10.32 15.51 -28.41
C LEU A 341 -11.74 16.07 -28.49
N LYS A 342 -11.96 17.28 -27.94
CA LYS A 342 -13.31 17.85 -27.91
C LYS A 342 -13.78 18.06 -29.36
N GLN A 343 -12.88 18.65 -30.13
CA GLN A 343 -13.09 18.93 -31.54
C GLN A 343 -13.48 17.65 -32.36
N SER A 344 -12.83 16.52 -32.06
CA SER A 344 -13.20 15.24 -32.71
C SER A 344 -14.53 14.74 -32.29
N VAL A 345 -14.82 14.84 -30.98
CA VAL A 345 -16.16 14.48 -30.49
C VAL A 345 -17.26 15.32 -31.20
N ASP A 346 -17.05 16.64 -31.26
CA ASP A 346 -18.06 17.56 -31.78
C ASP A 346 -18.38 17.23 -33.26
N LYS A 347 -17.35 16.86 -34.03
CA LYS A 347 -17.49 16.49 -35.42
C LYS A 347 -18.12 15.15 -35.66
N TYR A 348 -17.68 14.08 -34.95
CA TYR A 348 -17.97 12.68 -35.33
C TYR A 348 -18.97 11.92 -34.51
N TYR A 349 -19.23 12.40 -33.30
CA TYR A 349 -20.23 11.80 -32.47
C TYR A 349 -20.69 12.83 -31.43
N PRO A 350 -21.46 13.84 -31.88
CA PRO A 350 -21.87 14.94 -30.99
C PRO A 350 -22.44 14.41 -29.70
N GLY A 351 -22.11 15.07 -28.61
CA GLY A 351 -22.80 14.78 -27.35
C GLY A 351 -22.19 13.64 -26.51
N THR A 352 -21.20 12.93 -27.07
CA THR A 352 -20.49 11.90 -26.32
C THR A 352 -19.69 12.57 -25.23
N LYS A 353 -19.77 12.00 -24.04
CA LYS A 353 -19.00 12.46 -22.88
C LYS A 353 -17.52 12.10 -22.99
N LEU A 354 -16.69 12.86 -22.27
CA LEU A 354 -15.26 12.64 -22.35
C LEU A 354 -14.70 12.26 -20.99
N ALA A 355 -13.98 11.14 -20.88
CA ALA A 355 -13.30 10.75 -19.62
C ALA A 355 -11.78 10.49 -19.72
N MET A 356 -11.02 10.89 -18.70
CA MET A 356 -9.61 10.52 -18.61
C MET A 356 -9.46 9.49 -17.48
N THR A 357 -9.63 8.21 -17.82
CA THR A 357 -9.85 7.24 -16.76
C THR A 357 -8.60 6.67 -16.08
N SER A 358 -7.42 7.13 -16.44
CA SER A 358 -6.25 6.67 -15.74
C SER A 358 -5.15 7.64 -16.14
N TYR A 359 -4.60 8.42 -15.20
CA TYR A 359 -3.55 9.35 -15.52
C TYR A 359 -2.76 9.65 -14.28
N SER A 360 -1.58 10.25 -14.44
CA SER A 360 -0.77 10.65 -13.31
C SER A 360 0.34 11.58 -13.78
N TYR A 361 0.75 12.49 -12.93
CA TYR A 361 1.81 13.41 -13.26
C TYR A 361 3.09 13.11 -12.47
N GLY A 362 3.11 12.00 -11.71
CA GLY A 362 4.33 11.59 -11.00
C GLY A 362 4.55 12.53 -9.82
N GLY A 363 5.75 12.51 -9.24
CA GLY A 363 6.03 13.29 -8.04
C GLY A 363 5.04 13.04 -6.93
N GLU A 364 4.69 11.77 -6.69
CA GLU A 364 3.53 11.45 -5.80
C GLU A 364 3.75 11.93 -4.35
N ASN A 365 5.01 11.94 -3.95
CA ASN A 365 5.36 12.44 -2.65
C ASN A 365 6.25 13.67 -2.68
N ASP A 366 6.08 14.48 -3.72
CA ASP A 366 6.77 15.77 -3.88
C ASP A 366 5.77 16.93 -4.11
N ILE A 367 6.05 18.09 -3.54
CA ILE A 367 5.24 19.32 -3.76
C ILE A 367 4.99 19.53 -5.25
N SER A 368 5.93 19.16 -6.13
CA SER A 368 5.69 19.31 -7.57
C SER A 368 4.49 18.46 -8.05
N GLY A 369 4.34 17.24 -7.54
CA GLY A 369 3.17 16.46 -7.90
C GLY A 369 1.89 17.03 -7.29
N GLY A 370 1.96 17.59 -6.09
CA GLY A 370 0.74 18.15 -5.47
C GLY A 370 0.30 19.38 -6.30
N ILE A 371 1.24 20.28 -6.58
CA ILE A 371 0.96 21.39 -7.44
C ILE A 371 0.46 21.00 -8.86
N ALA A 372 1.14 20.09 -9.54
CA ALA A 372 0.65 19.63 -10.84
C ALA A 372 -0.80 19.21 -10.73
N MET A 373 -1.08 18.36 -9.75
CA MET A 373 -2.44 17.84 -9.60
C MET A 373 -3.47 18.92 -9.31
N THR A 374 -3.09 19.97 -8.55
CA THR A 374 -4.05 21.03 -8.18
C THR A 374 -4.40 21.88 -9.41
N ASP A 375 -3.43 22.10 -10.28
CA ASP A 375 -3.71 22.66 -11.56
C ASP A 375 -4.68 21.71 -12.35
N VAL A 376 -4.26 20.45 -12.55
CA VAL A 376 -5.00 19.52 -13.39
C VAL A 376 -6.47 19.44 -12.98
N LEU A 377 -6.76 19.29 -11.69
CA LEU A 377 -8.16 19.23 -11.24
C LEU A 377 -8.98 20.47 -11.66
N GLY A 378 -8.36 21.68 -11.60
CA GLY A 378 -9.07 22.91 -12.02
C GLY A 378 -9.30 22.87 -13.54
N ILE A 379 -8.22 22.53 -14.28
CA ILE A 379 -8.26 22.35 -15.73
C ILE A 379 -9.39 21.38 -16.17
N LEU A 380 -9.44 20.16 -15.61
CA LEU A 380 -10.44 19.14 -16.04
C LEU A 380 -11.84 19.70 -15.78
N GLY A 381 -11.98 20.34 -14.63
CA GLY A 381 -13.30 20.88 -14.28
C GLY A 381 -13.84 21.88 -15.28
N LYS A 382 -12.99 22.70 -15.87
CA LYS A 382 -13.55 23.74 -16.66
C LYS A 382 -13.43 23.46 -18.14
N ASN A 383 -13.06 22.23 -18.49
CA ASN A 383 -12.86 21.85 -19.89
C ASN A 383 -13.74 20.70 -20.28
N ASP A 384 -14.91 20.64 -19.70
CA ASP A 384 -15.94 19.68 -20.09
C ASP A 384 -15.56 18.20 -20.00
N VAL A 385 -14.71 17.82 -19.05
CA VAL A 385 -14.37 16.41 -18.77
C VAL A 385 -15.46 15.92 -17.82
N TYR A 386 -16.01 14.76 -18.12
CA TYR A 386 -17.08 14.21 -17.35
C TYR A 386 -16.54 13.43 -16.15
N MET A 387 -15.43 12.70 -16.35
CA MET A 387 -14.91 11.77 -15.33
C MET A 387 -13.41 11.71 -15.46
N ALA A 388 -12.71 11.67 -14.33
CA ALA A 388 -11.26 11.45 -14.39
C ALA A 388 -10.77 10.68 -13.17
N ASN A 389 -9.79 9.80 -13.40
CA ASN A 389 -9.47 8.83 -12.39
C ASN A 389 -7.98 8.70 -12.29
N TYR A 390 -7.44 9.18 -11.17
CA TYR A 390 -6.03 9.13 -10.91
C TYR A 390 -5.53 7.67 -10.91
N TRP A 391 -4.28 7.46 -11.30
CA TRP A 391 -3.69 6.13 -11.26
C TRP A 391 -2.35 6.14 -10.48
N LYS A 392 -2.19 5.24 -9.51
CA LYS A 392 -0.96 5.15 -8.73
C LYS A 392 0.16 4.43 -9.50
N LEU A 393 1.19 5.18 -9.89
CA LEU A 393 2.36 4.59 -10.55
C LEU A 393 3.37 4.17 -9.49
N LYS A 394 3.19 4.66 -8.28
CA LYS A 394 3.98 4.26 -7.13
C LYS A 394 3.08 3.69 -6.02
N ASP A 395 3.53 2.53 -5.49
CA ASP A 395 2.98 1.91 -4.31
C ASP A 395 3.20 2.74 -3.04
N GLY A 396 2.43 2.43 -2.00
CA GLY A 396 2.45 3.14 -0.73
C GLY A 396 1.63 4.40 -0.83
N VAL A 397 1.81 5.30 0.12
CA VAL A 397 1.03 6.51 0.08
C VAL A 397 1.56 7.44 -1.03
N ASN A 398 0.64 8.29 -1.49
CA ASN A 398 0.88 9.30 -2.51
C ASN A 398 0.42 10.62 -1.86
N ASN A 399 1.24 11.09 -0.92
CA ASN A 399 0.87 12.21 -0.06
C ASN A 399 0.41 13.51 -0.74
N TYR A 400 1.18 13.98 -1.71
CA TYR A 400 0.90 15.26 -2.36
C TYR A 400 -0.24 15.16 -3.41
N VAL A 401 -0.38 14.00 -4.02
CA VAL A 401 -1.57 13.73 -4.84
C VAL A 401 -2.79 13.81 -3.93
N SER A 402 -2.67 13.11 -2.83
CA SER A 402 -3.75 13.09 -1.87
C SER A 402 -4.09 14.53 -1.39
N ALA A 403 -3.07 15.33 -1.08
CA ALA A 403 -3.25 16.77 -0.77
C ALA A 403 -4.04 17.54 -1.82
N ALA A 404 -3.67 17.35 -3.09
CA ALA A 404 -4.37 18.01 -4.20
C ALA A 404 -5.84 17.75 -4.15
N TYR A 405 -6.26 16.48 -4.08
CA TYR A 405 -7.72 16.18 -3.94
C TYR A 405 -8.35 16.82 -2.74
N LYS A 406 -7.66 16.73 -1.59
CA LYS A 406 -8.20 17.23 -0.37
C LYS A 406 -8.32 18.74 -0.51
N LEU A 407 -7.40 19.40 -1.21
CA LEU A 407 -7.55 20.85 -1.38
C LEU A 407 -8.88 21.24 -2.07
N TYR A 408 -9.33 20.41 -3.03
CA TYR A 408 -10.59 20.64 -3.72
C TYR A 408 -11.77 20.04 -3.02
N ARG A 409 -11.59 18.93 -2.29
CA ARG A 409 -12.74 18.15 -1.81
C ARG A 409 -12.91 17.97 -0.25
N ASN A 410 -11.87 18.27 0.50
CA ASN A 410 -12.01 18.15 1.90
C ASN A 410 -11.00 19.09 2.48
N TYR A 411 -11.20 20.39 2.27
CA TYR A 411 -10.11 21.32 2.61
C TYR A 411 -9.98 21.64 4.11
N ASP A 412 -11.06 21.39 4.86
CA ASP A 412 -11.22 21.80 6.25
C ASP A 412 -11.43 20.64 7.20
N GLY A 413 -11.42 19.41 6.70
CA GLY A 413 -11.55 18.19 7.53
C GLY A 413 -13.01 17.85 7.73
N LYS A 414 -13.89 18.66 7.14
CA LYS A 414 -15.35 18.47 7.18
C LYS A 414 -15.92 18.17 5.78
N ASN A 415 -15.11 17.69 4.84
CA ASN A 415 -15.54 17.47 3.43
C ASN A 415 -16.21 18.71 2.78
N SER A 416 -15.75 19.89 3.10
CA SER A 416 -16.14 21.07 2.31
C SER A 416 -15.37 20.99 1.01
N THR A 417 -15.98 21.54 -0.03
CA THR A 417 -15.41 21.36 -1.39
C THR A 417 -15.34 22.67 -2.15
N PHE A 418 -14.57 22.67 -3.22
CA PHE A 418 -14.80 23.52 -4.36
C PHE A 418 -16.29 23.60 -4.78
N GLY A 419 -16.66 24.69 -5.43
CA GLY A 419 -18.08 24.83 -5.89
C GLY A 419 -18.34 24.01 -7.15
N ASP A 420 -19.61 23.84 -7.50
CA ASP A 420 -19.98 22.97 -8.61
C ASP A 420 -20.06 23.73 -9.91
N THR A 421 -19.65 24.99 -9.90
CA THR A 421 -19.89 25.90 -11.03
C THR A 421 -18.58 26.65 -11.33
N SER A 422 -17.93 26.31 -12.43
CA SER A 422 -16.72 27.00 -12.80
C SER A 422 -17.06 28.44 -13.19
N VAL A 423 -16.23 29.40 -12.81
CA VAL A 423 -16.36 30.77 -13.35
C VAL A 423 -15.04 31.22 -13.86
N SER A 424 -15.07 32.11 -14.84
CA SER A 424 -13.86 32.70 -15.38
C SER A 424 -12.87 33.18 -14.32
N ALA A 425 -11.61 32.76 -14.49
CA ALA A 425 -10.55 33.25 -13.62
C ALA A 425 -9.29 33.43 -14.44
N GLN A 426 -8.77 34.65 -14.55
CA GLN A 426 -7.54 34.88 -15.37
C GLN A 426 -6.34 35.36 -14.58
N THR A 427 -5.14 35.10 -15.08
CA THR A 427 -3.90 35.54 -14.44
C THR A 427 -2.94 36.18 -15.43
N SER A 428 -2.17 37.14 -14.96
CA SER A 428 -1.17 37.80 -15.78
C SER A 428 0.12 36.98 -16.00
N ASP A 429 0.28 35.89 -15.24
CA ASP A 429 1.47 35.04 -15.37
C ASP A 429 1.07 33.55 -15.36
N ILE A 430 0.92 32.96 -16.53
CA ILE A 430 0.53 31.55 -16.64
C ILE A 430 1.67 30.53 -16.36
N VAL A 431 2.88 31.04 -16.24
CA VAL A 431 4.07 30.22 -16.05
C VAL A 431 4.22 30.06 -14.57
N ASN A 432 4.19 31.16 -13.80
CA ASN A 432 4.46 31.03 -12.39
C ASN A 432 3.24 30.73 -11.55
N SER A 433 2.04 30.95 -12.11
CA SER A 433 0.77 30.78 -11.39
C SER A 433 -0.30 30.05 -12.20
N SER A 434 -1.32 29.50 -11.52
CA SER A 434 -2.56 29.02 -12.14
C SER A 434 -3.62 29.35 -11.11
N VAL A 435 -4.85 29.53 -11.54
CA VAL A 435 -5.94 29.90 -10.64
C VAL A 435 -7.28 29.39 -11.20
N HIS A 436 -8.18 28.94 -10.35
CA HIS A 436 -9.43 28.29 -10.78
C HIS A 436 -10.43 28.76 -9.79
N ALA A 437 -11.59 29.17 -10.30
CA ALA A 437 -12.61 29.88 -9.51
C ALA A 437 -13.92 29.10 -9.61
N SER A 438 -14.76 29.19 -8.58
CA SER A 438 -16.02 28.53 -8.66
C SER A 438 -17.00 29.16 -7.68
N VAL A 439 -18.28 29.04 -7.99
CA VAL A 439 -19.32 29.36 -7.03
C VAL A 439 -20.20 28.12 -6.90
N THR A 440 -21.35 28.29 -6.26
CA THR A 440 -22.35 27.23 -6.14
C THR A 440 -23.69 27.73 -6.69
N ASN A 441 -24.50 26.81 -7.21
CA ASN A 441 -25.77 27.17 -7.86
C ASN A 441 -26.96 27.35 -6.91
N SER A 443 -26.54 29.17 -4.31
CA SER A 443 -25.82 29.89 -3.26
C SER A 443 -24.59 30.60 -3.81
N ASP A 444 -24.79 31.87 -4.20
CA ASP A 444 -23.75 32.76 -4.69
C ASP A 444 -22.87 33.33 -3.55
N LYS A 445 -23.34 33.10 -2.30
CA LYS A 445 -22.73 33.58 -1.05
C LYS A 445 -21.20 33.43 -1.00
N GLU A 446 -20.69 32.29 -1.51
CA GLU A 446 -19.26 31.96 -1.42
C GLU A 446 -18.60 31.90 -2.77
N LEU A 447 -17.44 32.54 -2.90
CA LEU A 447 -16.62 32.40 -4.07
C LEU A 447 -15.37 31.63 -3.63
N HIS A 448 -15.06 30.51 -4.34
CA HIS A 448 -13.89 29.64 -4.10
C HIS A 448 -12.82 29.94 -5.13
N LEU A 449 -11.56 30.10 -4.74
CA LEU A 449 -10.43 30.32 -5.66
C LEU A 449 -9.24 29.39 -5.32
N VAL A 450 -8.84 28.49 -6.23
CA VAL A 450 -7.65 27.75 -5.92
C VAL A 450 -6.56 28.46 -6.68
N VAL A 451 -5.49 28.86 -6.00
CA VAL A 451 -4.40 29.58 -6.64
C VAL A 451 -3.09 28.93 -6.24
N MET A 452 -2.12 28.91 -7.14
CA MET A 452 -0.87 28.25 -6.76
C MET A 452 0.32 28.98 -7.36
N ASN A 453 1.46 28.87 -6.68
CA ASN A 453 2.68 29.42 -7.23
C ASN A 453 3.63 28.27 -7.53
N LYS A 454 3.89 28.08 -8.83
CA LYS A 454 4.79 27.08 -9.42
C LYS A 454 6.28 27.40 -9.35
N SER A 455 6.64 28.63 -8.97
CA SER A 455 8.05 29.03 -8.85
C SER A 455 8.75 28.26 -7.72
N MET A 456 9.96 27.76 -7.98
CA MET A 456 10.78 27.20 -6.87
C MET A 456 11.38 28.26 -5.92
N ASP A 457 11.33 29.56 -6.28
CA ASP A 457 12.18 30.61 -5.65
C ASP A 457 11.43 31.81 -5.07
N SER A 458 10.42 32.31 -5.80
CA SER A 458 9.88 33.63 -5.49
C SER A 458 8.43 33.60 -5.15
N ALA A 459 8.12 34.13 -3.98
CA ALA A 459 6.77 34.49 -3.66
C ALA A 459 6.26 35.46 -4.75
N PHE A 460 4.95 35.55 -4.91
CA PHE A 460 4.44 36.73 -5.62
C PHE A 460 3.30 37.24 -4.79
N ASP A 461 2.94 38.52 -4.92
CA ASP A 461 1.68 38.97 -4.29
C ASP A 461 0.60 38.88 -5.37
N ALA A 462 -0.51 38.22 -5.06
CA ALA A 462 -1.61 38.13 -5.99
C ALA A 462 -2.58 39.27 -5.68
N GLN A 463 -2.74 40.13 -6.68
CA GLN A 463 -3.73 41.19 -6.63
C GLN A 463 -5.01 40.68 -7.30
N PHE A 464 -6.00 40.32 -6.49
CA PHE A 464 -7.30 39.90 -7.01
C PHE A 464 -8.20 41.07 -7.24
N ASP A 465 -8.95 40.99 -8.33
CA ASP A 465 -10.06 41.88 -8.63
C ASP A 465 -11.21 40.98 -8.94
N LEU A 466 -12.29 41.18 -8.21
CA LEU A 466 -13.50 40.39 -8.41
C LEU A 466 -14.66 41.19 -9.03
N SER A 467 -15.21 40.70 -10.14
CA SER A 467 -16.48 41.17 -10.67
C SER A 467 -17.57 40.11 -10.57
N GLY A 468 -18.82 40.56 -10.52
CA GLY A 468 -19.96 39.68 -10.40
C GLY A 468 -21.15 40.32 -9.72
N ALA A 469 -22.14 39.52 -9.40
CA ALA A 469 -23.33 40.00 -8.71
C ALA A 469 -23.02 40.64 -7.36
N LYS A 470 -22.08 40.07 -6.61
CA LYS A 470 -22.01 40.23 -5.14
C LYS A 470 -20.77 40.98 -4.62
N THR A 471 -20.88 41.56 -3.43
CA THR A 471 -19.67 42.12 -2.85
C THR A 471 -19.19 41.25 -1.75
N TYR A 472 -17.88 40.98 -1.78
CA TYR A 472 -17.22 40.13 -0.81
C TYR A 472 -16.54 40.89 0.36
N ILE A 473 -16.92 40.55 1.60
CA ILE A 473 -16.37 41.21 2.86
C ILE A 473 -15.00 40.68 3.36
N SER A 474 -14.80 39.35 3.27
CA SER A 474 -13.72 38.67 3.97
C SER A 474 -13.49 37.26 3.42
N GLY A 475 -12.40 36.61 3.81
CA GLY A 475 -12.34 35.20 3.59
C GLY A 475 -11.39 34.44 4.45
N LYS A 476 -11.56 33.10 4.42
CA LYS A 476 -10.62 32.16 5.02
C LYS A 476 -9.80 31.47 3.94
N VAL A 477 -8.61 31.04 4.32
CA VAL A 477 -7.66 30.46 3.42
C VAL A 477 -7.18 29.14 4.08
N TRP A 478 -6.95 28.12 3.26
CA TRP A 478 -6.37 26.81 3.63
C TRP A 478 -5.27 26.46 2.63
N GLY A 479 -4.20 25.76 3.01
CA GLY A 479 -3.24 25.43 1.99
C GLY A 479 -2.32 24.30 2.38
N PHE A 480 -1.50 23.90 1.43
CA PHE A 480 -0.40 23.03 1.71
C PHE A 480 0.81 23.55 0.93
N ASP A 481 2.02 23.10 1.29
CA ASP A 481 3.23 23.62 0.65
C ASP A 481 4.31 22.58 0.72
N LYS A 482 5.54 22.99 0.44
CA LYS A 482 6.68 22.06 0.46
C LYS A 482 7.00 21.46 1.84
N ASN A 483 6.69 22.16 2.94
CA ASN A 483 6.93 21.63 4.30
C ASN A 483 5.74 20.91 4.98
N SER A 484 4.50 21.23 4.60
CA SER A 484 3.35 20.45 5.03
C SER A 484 2.44 19.96 3.92
N SER A 485 2.40 18.64 3.68
CA SER A 485 1.35 18.04 2.83
C SER A 485 -0.09 18.03 3.41
N GLN A 486 -0.26 17.96 4.73
CA GLN A 486 -1.59 18.18 5.34
C GLN A 486 -2.07 19.56 5.10
N ILE A 487 -3.35 19.72 4.84
CA ILE A 487 -3.85 21.07 4.61
C ILE A 487 -3.86 21.82 5.97
N LYS A 488 -3.34 23.04 6.00
CA LYS A 488 -3.38 23.84 7.24
C LYS A 488 -4.21 25.08 6.97
N GLU A 489 -5.04 25.48 7.94
CA GLU A 489 -5.69 26.77 7.90
C GLU A 489 -4.61 27.88 7.81
N ALA A 490 -4.82 28.86 6.93
CA ALA A 490 -3.80 29.94 6.82
C ALA A 490 -4.46 31.26 7.19
N ALA A 491 -3.64 32.33 7.23
CA ALA A 491 -4.09 33.69 7.61
C ALA A 491 -5.34 34.13 6.88
N PRO A 492 -6.40 34.52 7.62
CA PRO A 492 -7.63 35.02 6.96
C PRO A 492 -7.41 36.32 6.18
N ILE A 493 -8.36 36.64 5.30
CA ILE A 493 -8.44 37.91 4.60
C ILE A 493 -9.55 38.63 5.35
N THR A 494 -9.16 39.21 6.49
CA THR A 494 -10.07 39.85 7.46
C THR A 494 -10.90 41.05 6.89
N GLN A 495 -10.44 41.65 5.78
CA GLN A 495 -11.18 42.75 5.13
C GLN A 495 -10.83 42.95 3.65
N ILE A 496 -11.88 43.15 2.85
CA ILE A 496 -11.79 43.31 1.38
C ILE A 496 -12.43 44.65 0.99
N SER A 497 -11.60 45.54 0.44
CA SER A 497 -12.10 46.86 0.01
C SER A 497 -12.42 46.84 -1.48
N GLY A 498 -13.69 47.07 -1.80
CA GLY A 498 -14.11 47.27 -3.18
C GLY A 498 -13.73 46.11 -4.10
N ASN A 499 -13.91 44.89 -3.58
CA ASN A 499 -13.75 43.66 -4.35
C ASN A 499 -12.32 43.53 -4.90
N ARG A 500 -11.38 44.10 -4.17
CA ARG A 500 -9.97 43.93 -4.44
C ARG A 500 -9.27 43.50 -3.14
N PHE A 501 -8.27 42.62 -3.25
CA PHE A 501 -7.40 42.29 -2.13
C PHE A 501 -6.15 41.64 -2.67
N THR A 502 -5.10 41.74 -1.90
CA THR A 502 -3.83 41.14 -2.21
C THR A 502 -3.54 40.05 -1.17
N TYR A 503 -3.07 38.91 -1.64
CA TYR A 503 -2.55 37.86 -0.77
C TYR A 503 -1.25 37.38 -1.38
N THR A 504 -0.25 37.16 -0.53
CA THR A 504 1.03 36.61 -0.96
C THR A 504 1.04 35.10 -1.09
N VAL A 505 1.66 34.63 -2.17
CA VAL A 505 1.79 33.21 -2.38
C VAL A 505 3.25 32.79 -2.42
N PRO A 506 3.76 32.26 -1.29
CA PRO A 506 5.13 31.76 -1.24
C PRO A 506 5.40 30.77 -2.34
N PRO A 507 6.67 30.55 -2.62
CA PRO A 507 7.03 29.50 -3.54
C PRO A 507 6.33 28.14 -3.22
N LEU A 508 6.17 27.32 -4.25
CA LEU A 508 5.66 25.96 -4.11
C LEU A 508 4.49 25.85 -3.10
N THR A 509 3.51 26.74 -3.22
CA THR A 509 2.36 26.74 -2.33
C THR A 509 1.06 26.74 -3.11
N ALA A 510 0.06 26.00 -2.61
CA ALA A 510 -1.28 26.01 -3.17
C ALA A 510 -2.27 26.47 -2.12
N TYR A 511 -3.17 27.39 -2.47
CA TYR A 511 -4.22 27.82 -1.51
C TYR A 511 -5.61 27.67 -2.09
N HIS A 512 -6.58 27.40 -1.21
CA HIS A 512 -7.96 27.44 -1.56
C HIS A 512 -8.49 28.58 -0.65
N ILE A 513 -8.89 29.69 -1.28
CA ILE A 513 -9.51 30.84 -0.63
C ILE A 513 -11.02 30.76 -0.72
N VAL A 514 -11.72 30.94 0.40
CA VAL A 514 -13.16 31.02 0.36
C VAL A 514 -13.53 32.45 0.77
N LEU A 515 -13.89 33.30 -0.22
CA LEU A 515 -14.44 34.63 0.08
C LEU A 515 -15.96 34.55 0.34
N THR A 516 -16.43 35.35 1.31
CA THR A 516 -17.86 35.39 1.73
C THR A 516 -18.50 36.79 1.57
N THR A 517 -19.84 36.83 1.42
CA THR A 517 -20.60 38.11 1.29
C THR A 517 -21.19 38.64 2.63
N LYS B 8 28.02 -33.00 -6.66
CA LYS B 8 28.16 -32.37 -5.30
C LYS B 8 27.15 -33.02 -4.38
N THR B 9 27.60 -33.39 -3.17
CA THR B 9 26.86 -34.27 -2.26
C THR B 9 27.03 -33.79 -0.81
N ILE B 10 25.94 -33.85 -0.06
CA ILE B 10 25.82 -33.29 1.30
C ILE B 10 25.05 -34.31 2.12
N THR B 11 25.43 -34.42 3.39
CA THR B 11 24.72 -35.29 4.34
C THR B 11 23.95 -34.47 5.37
N ILE B 12 22.81 -35.02 5.77
CA ILE B 12 21.91 -34.38 6.70
C ILE B 12 21.40 -35.48 7.63
N LYS B 13 21.78 -35.40 8.91
CA LYS B 13 21.29 -36.34 9.93
C LYS B 13 20.13 -35.66 10.66
N VAL B 14 19.05 -36.40 10.85
CA VAL B 14 17.94 -35.85 11.58
C VAL B 14 17.70 -36.83 12.72
N ASP B 15 17.55 -36.32 13.96
CA ASP B 15 17.28 -37.16 15.13
C ASP B 15 16.01 -36.76 15.92
N THR B 16 14.91 -37.48 15.72
CA THR B 16 13.67 -37.02 16.31
C THR B 16 13.60 -37.11 17.85
N PHE B 17 14.51 -37.83 18.48
CA PHE B 17 14.42 -37.99 19.93
C PHE B 17 15.34 -37.04 20.69
N LYS B 18 16.11 -36.24 19.95
CA LYS B 18 17.10 -35.32 20.51
C LYS B 18 16.66 -33.82 20.32
N ASP B 19 16.76 -32.99 21.36
CA ASP B 19 16.35 -31.54 21.36
C ASP B 19 14.86 -31.26 21.13
N ARG B 20 14.01 -32.29 21.25
CA ARG B 20 12.53 -32.06 21.29
C ARG B 20 12.07 -30.89 22.20
N LYS B 21 11.40 -29.88 21.63
CA LYS B 21 11.00 -28.63 22.34
C LYS B 21 10.02 -27.80 21.56
N PRO B 22 9.13 -27.10 22.27
CA PRO B 22 8.09 -26.42 21.53
C PRO B 22 8.67 -25.28 20.66
N ILE B 23 8.11 -25.14 19.44
CA ILE B 23 8.28 -23.94 18.62
C ILE B 23 7.06 -23.16 18.94
N SER B 24 7.31 -21.95 19.42
CA SER B 24 6.26 -21.00 19.74
C SER B 24 5.58 -20.57 18.44
N PRO B 25 4.24 -20.68 18.35
CA PRO B 25 3.59 -20.31 17.07
C PRO B 25 3.81 -18.82 16.73
N TYR B 26 4.08 -18.03 17.75
CA TYR B 26 4.19 -16.59 17.54
C TYR B 26 5.49 -16.14 16.80
N ILE B 27 6.37 -17.06 16.49
CA ILE B 27 7.44 -16.63 15.60
C ILE B 27 6.89 -16.50 14.14
N TYR B 28 5.64 -16.97 13.89
CA TYR B 28 5.01 -16.72 12.58
C TYR B 28 4.19 -15.46 12.70
N GLY B 29 4.87 -14.33 12.73
CA GLY B 29 4.15 -13.08 13.03
C GLY B 29 4.60 -11.94 12.13
N THR B 30 3.77 -10.91 12.12
CA THR B 30 4.01 -9.83 11.23
C THR B 30 3.59 -8.52 11.82
N ASN B 31 4.17 -7.45 11.28
CA ASN B 31 3.63 -6.08 11.46
C ASN B 31 2.55 -5.72 10.40
N GLN B 32 2.87 -5.70 9.12
CA GLN B 32 1.83 -5.46 8.12
C GLN B 32 1.28 -6.80 7.65
N ASP B 33 -0.03 -6.88 7.44
CA ASP B 33 -0.61 -8.04 6.74
C ASP B 33 -0.05 -8.14 5.34
N LEU B 34 0.13 -9.36 4.83
CA LEU B 34 0.74 -9.47 3.52
C LEU B 34 -0.34 -9.89 2.50
N ALA B 35 -0.19 -11.01 1.82
CA ALA B 35 -1.19 -11.40 0.84
C ALA B 35 -2.50 -11.96 1.42
N GLY B 36 -2.51 -12.40 2.67
CA GLY B 36 -3.77 -12.85 3.29
C GLY B 36 -3.87 -14.37 3.46
N ASP B 37 -2.95 -15.12 2.88
CA ASP B 37 -3.00 -16.59 3.04
C ASP B 37 -1.76 -17.19 3.70
N GLU B 38 -1.05 -16.37 4.49
CA GLU B 38 0.16 -16.80 5.13
C GLU B 38 -0.10 -17.56 6.43
N ASN B 39 -1.34 -17.49 6.94
CA ASN B 39 -1.74 -18.14 8.17
C ASN B 39 -0.82 -17.76 9.35
N MET B 40 -0.67 -16.46 9.56
CA MET B 40 0.14 -15.96 10.69
C MET B 40 -0.53 -16.40 12.03
N ALA B 41 0.28 -16.50 13.10
CA ALA B 41 -0.25 -16.61 14.47
C ALA B 41 -0.08 -15.31 15.35
N ALA B 42 0.78 -14.37 14.93
CA ALA B 42 0.98 -13.14 15.67
C ALA B 42 0.97 -11.89 14.80
N ARG B 43 0.35 -10.83 15.31
CA ARG B 43 0.34 -9.53 14.62
C ARG B 43 0.68 -8.44 15.61
N ARG B 44 1.51 -7.51 15.18
CA ARG B 44 1.90 -6.37 16.01
C ARG B 44 1.39 -5.02 15.42
N LEU B 45 0.95 -4.10 16.31
CA LEU B 45 0.68 -2.69 16.01
C LEU B 45 1.74 -1.84 16.70
N GLY B 46 2.73 -1.39 15.95
CA GLY B 46 3.95 -0.80 16.55
C GLY B 46 4.69 0.05 15.54
N GLY B 47 5.97 0.38 15.78
CA GLY B 47 6.72 1.21 14.83
C GLY B 47 6.72 2.68 15.19
N ASN B 48 7.42 3.49 14.40
CA ASN B 48 7.57 4.97 14.66
C ASN B 48 6.26 5.69 14.94
N ARG B 49 5.22 5.38 14.19
CA ARG B 49 4.01 6.14 14.32
C ARG B 49 3.30 5.90 15.64
N MET B 50 3.65 4.81 16.33
CA MET B 50 2.91 4.46 17.56
C MET B 50 3.35 5.31 18.79
N THR B 51 4.55 5.87 18.72
CA THR B 51 5.10 6.65 19.81
C THR B 51 4.14 7.78 20.17
N GLY B 52 3.67 8.53 19.19
CA GLY B 52 2.77 9.62 19.45
C GLY B 52 1.32 9.34 19.11
N TYR B 53 0.95 8.08 18.97
CA TYR B 53 -0.50 7.78 18.84
C TYR B 53 -1.31 8.13 20.12
N ASN B 54 -2.38 8.90 19.92
CA ASN B 54 -3.38 9.34 20.90
C ASN B 54 -4.67 8.50 20.76
N TRP B 55 -4.96 7.61 21.70
CA TRP B 55 -6.07 6.67 21.47
C TRP B 55 -7.36 7.45 21.46
N GLU B 56 -7.34 8.68 22.01
CA GLU B 56 -8.61 9.43 22.09
C GLU B 56 -9.18 9.91 20.78
N ASN B 57 -8.30 10.42 19.90
CA ASN B 57 -8.76 10.92 18.64
C ASN B 57 -8.07 10.17 17.50
N ASN B 58 -7.24 9.16 17.80
CA ASN B 58 -6.58 8.38 16.75
C ASN B 58 -5.51 9.14 15.98
N MET B 59 -5.24 10.40 16.36
CA MET B 59 -4.18 11.15 15.69
C MET B 59 -2.82 10.68 16.12
N SER B 60 -1.84 10.84 15.23
CA SER B 60 -0.52 10.47 15.60
C SER B 60 0.45 11.29 14.83
N ASN B 61 1.75 11.15 15.14
CA ASN B 61 2.77 11.99 14.53
C ASN B 61 3.90 11.22 13.84
N ALA B 62 4.22 11.59 12.60
CA ALA B 62 5.26 10.88 11.81
C ALA B 62 6.64 11.13 12.28
N GLY B 63 6.88 12.25 13.00
CA GLY B 63 8.26 12.65 13.23
C GLY B 63 9.14 12.73 11.96
N SER B 64 10.40 12.36 12.08
CA SER B 64 11.36 12.50 10.99
C SER B 64 10.96 11.79 9.73
N ASP B 65 10.08 10.79 9.79
CA ASP B 65 9.73 10.08 8.56
C ASP B 65 8.91 10.96 7.58
N TRP B 66 8.18 11.95 8.08
CA TRP B 66 7.39 12.80 7.20
C TRP B 66 6.99 14.08 7.90
N GLN B 67 7.87 15.08 7.79
CA GLN B 67 7.52 16.49 8.10
C GLN B 67 7.06 16.71 9.54
N HIS B 68 7.41 15.79 10.44
CA HIS B 68 6.85 15.83 11.83
C HIS B 68 5.39 16.10 11.80
N SER B 69 4.69 15.40 10.93
CA SER B 69 3.31 15.77 10.65
C SER B 69 2.35 15.07 11.58
N SER B 70 1.45 15.81 12.23
CA SER B 70 0.38 15.20 13.01
C SER B 70 -0.83 15.05 12.12
N ASP B 71 -1.37 13.83 12.11
CA ASP B 71 -2.41 13.45 11.15
C ASP B 71 -3.10 12.09 11.36
N ASN B 72 -4.00 11.77 10.43
CA ASN B 72 -4.89 10.61 10.52
C ASN B 72 -4.29 9.39 9.82
N TYR B 73 -2.97 9.40 9.63
CA TYR B 73 -2.28 8.31 8.94
C TYR B 73 -2.67 6.92 9.40
N LEU B 74 -2.72 6.69 10.73
CA LEU B 74 -2.96 5.34 11.21
C LEU B 74 -4.39 4.94 10.95
N CYS B 75 -5.29 5.91 10.91
CA CYS B 75 -6.62 5.63 10.38
C CYS B 75 -6.54 5.15 8.91
N SER B 76 -5.90 5.92 8.02
CA SER B 76 -5.80 5.55 6.59
C SER B 76 -5.12 4.19 6.48
N ASN B 77 -4.02 3.99 7.18
CA ASN B 77 -3.25 2.79 7.02
C ASN B 77 -4.04 1.60 7.56
N GLY B 78 -4.81 1.79 8.62
CA GLY B 78 -5.64 0.71 9.15
C GLY B 78 -6.88 0.43 8.29
N GLY B 79 -7.17 1.30 7.32
CA GLY B 79 -8.35 1.17 6.45
C GLY B 79 -9.66 1.61 7.10
N LEU B 80 -9.61 2.36 8.19
CA LEU B 80 -10.83 3.02 8.71
C LEU B 80 -11.41 4.09 7.79
N THR B 81 -12.72 4.28 7.92
CA THR B 81 -13.40 5.44 7.29
C THR B 81 -13.12 6.76 8.05
N GLN B 82 -13.57 7.91 7.53
CA GLN B 82 -13.41 9.15 8.31
C GLN B 82 -14.21 9.07 9.60
N ALA B 83 -15.42 8.56 9.50
CA ALA B 83 -16.29 8.40 10.68
C ALA B 83 -15.69 7.46 11.72
N GLU B 84 -15.07 6.36 11.27
CA GLU B 84 -14.43 5.46 12.27
C GLU B 84 -13.23 6.07 12.97
N CYS B 85 -12.45 6.86 12.22
CA CYS B 85 -11.31 7.60 12.77
C CYS B 85 -11.72 8.49 13.97
N GLU B 86 -12.98 8.89 14.04
CA GLU B 86 -13.46 9.67 15.18
C GLU B 86 -13.83 8.86 16.42
N LYS B 87 -14.02 7.55 16.34
CA LYS B 87 -14.25 6.74 17.54
C LYS B 87 -12.97 6.56 18.37
N PRO B 88 -13.00 6.95 19.66
CA PRO B 88 -11.84 6.62 20.48
C PRO B 88 -11.38 5.17 20.30
N GLY B 89 -10.08 4.99 20.21
CA GLY B 89 -9.46 3.67 20.15
C GLY B 89 -9.60 2.92 18.82
N ALA B 90 -10.30 3.51 17.86
CA ALA B 90 -10.68 2.77 16.65
C ALA B 90 -9.44 2.17 15.96
N VAL B 91 -8.31 2.86 15.97
CA VAL B 91 -7.19 2.33 15.27
C VAL B 91 -6.80 0.96 15.89
N VAL B 92 -6.76 0.91 17.22
CA VAL B 92 -6.43 -0.34 17.92
C VAL B 92 -7.58 -1.36 17.89
N THR B 93 -8.83 -0.91 17.89
CA THR B 93 -9.87 -1.94 17.90
C THR B 93 -10.07 -2.60 16.53
N SER B 94 -9.86 -1.79 15.50
CA SER B 94 -9.91 -2.34 14.18
C SER B 94 -8.76 -3.36 14.02
N PHE B 95 -7.55 -2.97 14.43
CA PHE B 95 -6.42 -3.90 14.41
C PHE B 95 -6.77 -5.20 15.14
N HIS B 96 -7.34 -5.06 16.33
CA HIS B 96 -7.53 -6.25 17.18
C HIS B 96 -8.69 -7.16 16.73
N ASP B 97 -9.75 -6.54 16.27
CA ASP B 97 -10.85 -7.25 15.62
C ASP B 97 -10.36 -8.14 14.48
N GLN B 98 -9.44 -7.63 13.68
CA GLN B 98 -8.82 -8.37 12.59
C GLN B 98 -8.01 -9.57 13.14
N SER B 99 -7.25 -9.35 14.22
CA SER B 99 -6.60 -10.45 14.95
C SER B 99 -7.56 -11.55 15.46
N LEU B 100 -8.70 -11.17 16.04
CA LEU B 100 -9.62 -12.14 16.59
C LEU B 100 -10.18 -12.95 15.44
N LYS B 101 -10.34 -12.26 14.31
CA LYS B 101 -10.93 -12.83 13.14
C LYS B 101 -9.94 -13.84 12.55
N LEU B 102 -8.66 -13.53 12.63
CA LEU B 102 -7.66 -14.38 12.07
C LEU B 102 -7.16 -15.36 13.10
N GLY B 103 -7.64 -15.30 14.33
CA GLY B 103 -7.04 -16.10 15.46
C GLY B 103 -5.57 -15.80 15.84
N THR B 104 -5.11 -14.56 15.68
CA THR B 104 -3.71 -14.26 16.01
C THR B 104 -3.63 -13.54 17.41
N TYR B 105 -2.48 -13.68 18.06
CA TYR B 105 -2.09 -12.82 19.15
C TYR B 105 -2.02 -11.33 18.69
N SER B 106 -2.50 -10.41 19.50
CA SER B 106 -2.26 -8.96 19.26
C SER B 106 -1.22 -8.41 20.26
N LEU B 107 -0.14 -7.82 19.73
CA LEU B 107 0.82 -6.99 20.49
C LEU B 107 0.55 -5.52 20.12
N VAL B 108 0.14 -4.70 21.11
CA VAL B 108 -0.28 -3.30 20.94
C VAL B 108 0.68 -2.29 21.67
N THR B 109 1.42 -1.49 20.92
CA THR B 109 2.32 -0.50 21.49
C THR B 109 1.55 0.56 22.31
N LEU B 110 2.10 0.95 23.45
CA LEU B 110 1.61 2.12 24.22
C LEU B 110 2.65 3.28 24.28
N PRO B 111 2.19 4.51 24.54
CA PRO B 111 3.06 5.69 24.52
C PRO B 111 3.94 5.84 25.75
N MET B 112 5.21 6.10 25.53
CA MET B 112 6.13 6.30 26.65
C MET B 112 6.94 7.61 26.56
N ALA B 113 7.04 8.22 25.38
CA ALA B 113 7.97 9.32 25.17
C ALA B 113 7.49 10.64 25.77
N GLY B 114 6.19 10.80 26.01
CA GLY B 114 5.73 11.77 27.00
C GLY B 114 4.48 12.50 26.57
N TYR B 115 4.26 12.53 25.25
CA TYR B 115 3.16 13.29 24.66
C TYR B 115 2.58 12.51 23.46
N VAL B 116 1.32 12.79 23.12
CA VAL B 116 0.75 12.25 21.95
C VAL B 116 0.14 13.42 21.17
N ALA B 117 -0.04 13.21 19.87
CA ALA B 117 -0.64 14.26 19.00
C ALA B 117 -2.01 14.72 19.49
N ALA B 118 -2.18 16.03 19.69
CA ALA B 118 -3.44 16.63 20.10
C ALA B 118 -4.32 16.91 18.91
N ASP B 119 -3.77 16.89 17.71
CA ASP B 119 -4.64 17.16 16.56
C ASP B 119 -4.17 16.43 15.29
N GLY B 120 -4.79 16.83 14.19
CA GLY B 120 -4.43 16.34 12.86
C GLY B 120 -3.96 17.42 11.88
N ASN B 121 -3.36 18.51 12.38
CA ASN B 121 -3.10 19.66 11.54
C ASN B 121 -1.74 19.75 10.87
N GLY B 122 -1.03 18.64 10.82
CA GLY B 122 0.14 18.53 9.98
C GLY B 122 1.42 18.87 10.70
N SER B 123 2.32 19.39 9.93
CA SER B 123 3.69 19.70 10.33
C SER B 123 3.78 20.35 11.70
N VAL B 124 4.66 19.78 12.54
CA VAL B 124 5.02 20.41 13.86
C VAL B 124 6.47 21.04 13.84
N GLN B 125 6.52 22.34 13.96
CA GLN B 125 7.79 23.08 13.81
C GLN B 125 8.55 23.02 15.10
N GLU B 126 9.88 23.12 14.96
CA GLU B 126 10.85 23.09 16.07
CA GLU B 126 10.84 23.08 16.06
C GLU B 126 10.34 23.77 17.34
N SER B 127 9.58 24.83 17.16
CA SER B 127 9.21 25.60 18.30
C SER B 127 7.84 25.23 18.78
N GLU B 128 7.10 24.41 18.04
CA GLU B 128 5.87 23.76 18.54
C GLU B 128 6.18 22.39 19.25
N ALA B 129 7.47 22.06 19.41
CA ALA B 129 7.87 20.90 20.27
C ALA B 129 7.21 20.95 21.65
N ALA B 130 7.02 19.78 22.24
CA ALA B 130 6.13 19.66 23.40
C ALA B 130 6.84 20.22 24.60
N PRO B 131 6.11 20.78 25.59
CA PRO B 131 4.65 20.98 25.61
C PRO B 131 4.34 22.13 24.67
N SER B 132 3.22 22.03 23.97
CA SER B 132 2.70 23.08 23.07
C SER B 132 1.30 22.71 22.74
N ALA B 133 0.59 23.61 22.09
CA ALA B 133 -0.79 23.35 21.71
C ALA B 133 -0.97 22.11 20.80
N ARG B 134 0.12 21.63 20.17
CA ARG B 134 0.05 20.46 19.31
C ARG B 134 0.09 19.11 20.06
N TRP B 135 0.27 19.14 21.37
CA TRP B 135 0.55 17.89 22.12
C TRP B 135 -0.23 17.76 23.35
N ASN B 136 -0.62 16.54 23.65
CA ASN B 136 -1.23 16.20 24.93
C ASN B 136 -0.26 15.39 25.74
N GLN B 137 -0.19 15.61 27.04
CA GLN B 137 0.81 14.86 27.80
C GLN B 137 0.20 13.52 28.20
N VAL B 138 1.03 12.49 28.13
CA VAL B 138 0.72 11.14 28.54
C VAL B 138 0.79 11.03 30.07
N VAL B 139 -0.34 10.67 30.66
CA VAL B 139 -0.40 10.19 32.03
C VAL B 139 -0.66 8.64 32.15
N ASN B 140 0.28 7.91 32.73
CA ASN B 140 0.16 6.49 33.05
C ASN B 140 -1.15 6.03 33.79
N ALA B 141 -1.43 6.67 34.93
CA ALA B 141 -2.55 6.34 35.82
C ALA B 141 -3.58 7.44 36.05
N LYS B 142 -4.80 7.32 35.59
CA LYS B 142 -5.70 8.40 35.80
C LYS B 142 -5.94 8.75 37.30
N ASN B 143 -5.81 7.76 38.21
CA ASN B 143 -6.07 7.93 39.65
C ASN B 143 -7.42 8.59 39.91
N ALA B 144 -8.35 8.33 39.01
CA ALA B 144 -9.69 8.82 39.11
C ALA B 144 -10.48 7.71 38.46
N PRO B 145 -11.81 7.86 38.38
CA PRO B 145 -12.57 6.79 37.74
C PRO B 145 -12.67 6.94 36.22
N PHE B 146 -12.46 5.80 35.53
CA PHE B 146 -12.32 5.70 34.09
C PHE B 146 -13.52 6.09 33.32
N GLN B 147 -13.33 6.72 32.18
CA GLN B 147 -14.42 6.99 31.30
C GLN B 147 -14.23 6.11 30.05
N LEU B 148 -15.32 5.59 29.47
CA LEU B 148 -15.20 4.79 28.23
C LEU B 148 -15.25 5.71 27.04
N GLN B 149 -15.85 6.87 27.26
CA GLN B 149 -15.79 8.00 26.33
C GLN B 149 -14.87 9.08 26.96
N PRO B 150 -13.56 9.03 26.68
CA PRO B 150 -12.60 9.92 27.37
C PRO B 150 -12.76 11.43 27.05
N ASP B 151 -12.19 12.23 27.91
CA ASP B 151 -12.43 13.67 27.84
C ASP B 151 -11.51 14.30 26.76
N LEU B 152 -12.14 14.77 25.71
CA LEU B 152 -11.46 15.26 24.51
C LEU B 152 -10.99 16.69 24.67
N ASN B 153 -11.44 17.40 25.71
CA ASN B 153 -11.22 18.85 25.87
C ASN B 153 -10.12 19.21 26.85
N ASP B 154 -9.55 18.20 27.50
CA ASP B 154 -8.48 18.48 28.43
C ASP B 154 -7.11 18.32 27.71
N ASN B 155 -6.05 18.39 28.47
CA ASN B 155 -4.71 18.36 27.92
C ASN B 155 -4.02 17.01 28.15
N TYR B 156 -4.84 15.99 28.42
CA TYR B 156 -4.29 14.71 28.85
C TYR B 156 -4.87 13.49 28.14
N VAL B 157 -3.99 12.51 28.01
CA VAL B 157 -4.36 11.16 27.60
C VAL B 157 -3.84 10.17 28.66
N TYR B 158 -4.74 9.32 29.18
CA TYR B 158 -4.47 8.38 30.29
C TYR B 158 -4.26 6.94 29.80
N VAL B 159 -3.08 6.39 29.98
CA VAL B 159 -2.82 5.12 29.38
C VAL B 159 -3.63 4.05 30.08
N ASP B 160 -3.62 4.02 31.42
CA ASP B 160 -4.43 3.02 32.08
C ASP B 160 -5.91 3.14 31.74
N GLU B 161 -6.40 4.34 31.41
CA GLU B 161 -7.82 4.45 30.99
C GLU B 161 -8.12 3.69 29.69
N PHE B 162 -7.12 3.66 28.81
CA PHE B 162 -7.28 3.08 27.49
C PHE B 162 -7.18 1.59 27.64
N VAL B 163 -6.30 1.10 28.51
CA VAL B 163 -6.21 -0.32 28.72
C VAL B 163 -7.52 -0.82 29.35
N HIS B 164 -8.24 0.03 30.09
CA HIS B 164 -9.45 -0.35 30.78
C HIS B 164 -10.51 -0.41 29.74
N PHE B 165 -10.41 0.49 28.79
CA PHE B 165 -11.29 0.53 27.66
C PHE B 165 -11.17 -0.75 26.83
N LEU B 166 -9.97 -1.28 26.67
CA LEU B 166 -9.73 -2.45 25.85
C LEU B 166 -10.27 -3.66 26.58
N VAL B 167 -9.86 -3.80 27.84
CA VAL B 167 -10.39 -4.83 28.73
C VAL B 167 -11.91 -4.90 28.80
N ASN B 168 -12.55 -3.75 28.88
CA ASN B 168 -14.01 -3.67 28.95
C ASN B 168 -14.65 -4.26 27.70
N LYS B 169 -13.97 -4.03 26.57
CA LYS B 169 -14.49 -4.46 25.30
C LYS B 169 -14.15 -5.96 24.99
N TYR B 170 -13.04 -6.49 25.49
CA TYR B 170 -12.47 -7.75 24.99
C TYR B 170 -12.17 -8.79 26.11
N GLY B 171 -12.37 -8.37 27.35
CA GLY B 171 -12.00 -9.14 28.52
C GLY B 171 -10.52 -8.96 28.70
N THR B 172 -9.97 -9.68 29.66
CA THR B 172 -8.57 -9.61 29.99
C THR B 172 -7.75 -10.46 29.08
N ALA B 173 -6.44 -10.19 29.06
CA ALA B 173 -5.49 -10.97 28.27
C ALA B 173 -5.67 -12.46 28.41
N SER B 174 -6.27 -12.92 29.50
CA SER B 174 -6.24 -14.37 29.79
C SER B 174 -7.45 -15.08 29.20
N THR B 175 -8.37 -14.29 28.66
CA THR B 175 -9.53 -14.83 28.07
C THR B 175 -9.21 -15.00 26.61
N LYS B 176 -10.13 -15.64 25.87
CA LYS B 176 -9.95 -15.86 24.45
C LYS B 176 -9.86 -14.52 23.65
N ALA B 177 -10.75 -13.56 23.89
CA ALA B 177 -10.80 -12.36 23.01
C ALA B 177 -9.87 -11.20 23.40
N GLY B 178 -9.06 -11.40 24.42
CA GLY B 178 -8.34 -10.31 25.00
C GLY B 178 -7.02 -9.98 24.34
N VAL B 179 -6.70 -8.68 24.39
CA VAL B 179 -5.39 -8.21 24.03
C VAL B 179 -4.32 -8.80 24.89
N LYS B 180 -3.34 -9.41 24.26
CA LYS B 180 -2.40 -10.23 25.02
C LYS B 180 -1.09 -9.56 25.37
N GLY B 181 -0.58 -8.69 24.51
CA GLY B 181 0.71 -8.02 24.79
C GLY B 181 0.64 -6.50 24.65
N TYR B 182 1.33 -5.76 25.53
CA TYR B 182 1.52 -4.34 25.34
C TYR B 182 3.02 -4.09 25.26
N ALA B 183 3.45 -3.21 24.37
CA ALA B 183 4.88 -2.91 24.23
C ALA B 183 5.20 -1.50 24.74
N LEU B 184 6.43 -1.30 25.21
CA LEU B 184 6.71 -0.03 25.89
C LEU B 184 7.23 0.98 24.87
N ASP B 185 6.29 1.65 24.15
CA ASP B 185 6.66 2.60 23.03
C ASP B 185 7.55 1.85 22.00
N ASN B 186 8.45 2.54 21.30
CA ASN B 186 9.16 1.97 20.13
C ASN B 186 10.48 2.69 20.02
N GLU B 187 11.54 1.94 19.82
CA GLU B 187 12.90 2.46 19.68
C GLU B 187 13.25 3.75 20.50
N PRO B 188 13.27 3.63 21.83
CA PRO B 188 13.44 4.80 22.66
C PRO B 188 14.78 5.50 22.46
N ALA B 189 15.84 4.75 22.12
CA ALA B 189 17.13 5.37 21.88
C ALA B 189 17.13 6.33 20.68
N LEU B 190 16.08 6.26 19.87
CA LEU B 190 16.02 7.07 18.70
C LEU B 190 14.87 8.03 18.85
N TRP B 191 14.31 8.13 20.04
CA TRP B 191 13.35 9.21 20.29
C TRP B 191 13.88 10.60 19.79
N SER B 192 15.10 10.95 20.21
CA SER B 192 15.64 12.26 19.95
C SER B 192 15.88 12.49 18.42
N HIS B 193 16.11 11.41 17.67
CA HIS B 193 16.26 11.44 16.22
C HIS B 193 14.94 11.37 15.40
N THR B 194 14.11 10.37 15.71
CA THR B 194 12.85 10.16 15.04
C THR B 194 11.74 11.11 15.51
N HIS B 195 11.66 11.35 16.82
CA HIS B 195 10.59 12.17 17.43
C HIS B 195 11.08 13.41 18.21
N PRO B 196 12.00 14.19 17.60
CA PRO B 196 12.60 15.33 18.31
C PRO B 196 11.59 16.33 18.74
N ARG B 197 10.39 16.37 18.12
CA ARG B 197 9.34 17.29 18.61
C ARG B 197 8.61 16.85 19.86
N ILE B 198 8.74 15.54 20.19
CA ILE B 198 8.22 14.94 21.45
C ILE B 198 9.32 14.91 22.51
N HIS B 199 10.52 14.51 22.11
CA HIS B 199 11.56 14.23 23.10
C HIS B 199 12.91 14.61 22.54
N PRO B 200 13.27 15.90 22.62
CA PRO B 200 14.45 16.33 21.86
C PRO B 200 15.76 15.81 22.38
N GLU B 201 15.87 15.62 23.70
CA GLU B 201 17.09 15.13 24.34
CA GLU B 201 17.16 15.17 24.23
C GLU B 201 17.24 13.63 24.20
N LYS B 202 18.49 13.14 24.11
CA LYS B 202 18.75 11.70 24.13
C LYS B 202 18.19 10.99 25.42
N VAL B 203 17.39 9.94 25.24
CA VAL B 203 16.81 9.21 26.42
C VAL B 203 17.94 8.80 27.39
N GLY B 204 17.75 9.00 28.69
CA GLY B 204 18.68 8.39 29.64
C GLY B 204 18.33 6.93 30.00
N ALA B 205 19.38 6.14 30.32
CA ALA B 205 19.26 4.75 30.81
C ALA B 205 18.37 4.68 32.07
N LYS B 206 18.65 5.52 33.05
CA LYS B 206 17.81 5.52 34.24
C LYS B 206 16.43 6.04 33.89
N GLU B 207 16.36 7.07 33.07
CA GLU B 207 15.06 7.58 32.57
C GLU B 207 14.26 6.44 31.90
N LEU B 208 14.93 5.69 31.05
CA LEU B 208 14.27 4.62 30.32
C LEU B 208 13.60 3.62 31.32
N VAL B 209 14.34 3.19 32.36
CA VAL B 209 13.79 2.27 33.36
C VAL B 209 12.67 2.89 34.14
N ASP B 210 12.85 4.14 34.56
CA ASP B 210 11.80 4.76 35.34
C ASP B 210 10.52 4.94 34.54
N ARG B 211 10.61 5.38 33.28
CA ARG B 211 9.40 5.47 32.42
C ARG B 211 8.76 4.07 32.23
N SER B 212 9.58 3.04 31.95
CA SER B 212 9.13 1.63 31.80
C SER B 212 8.43 1.06 33.05
N VAL B 213 9.11 1.20 34.20
CA VAL B 213 8.58 0.78 35.51
C VAL B 213 7.26 1.46 35.69
N SER B 214 7.23 2.77 35.52
CA SER B 214 5.96 3.50 35.76
C SER B 214 4.79 3.08 34.87
N LEU B 215 5.06 2.95 33.55
CA LEU B 215 3.97 2.54 32.64
C LEU B 215 3.61 1.07 32.86
N SER B 216 4.59 0.20 33.04
CA SER B 216 4.29 -1.22 33.30
C SER B 216 3.32 -1.43 34.46
N LYS B 217 3.60 -0.81 35.62
CA LYS B 217 2.72 -0.88 36.80
C LYS B 217 1.33 -0.45 36.46
N ALA B 218 1.23 0.66 35.75
CA ALA B 218 -0.10 1.13 35.49
C ALA B 218 -0.81 0.13 34.57
N VAL B 219 -0.08 -0.56 33.71
CA VAL B 219 -0.74 -1.52 32.81
C VAL B 219 -1.24 -2.72 33.62
N LYS B 220 -0.30 -3.35 34.34
CA LYS B 220 -0.57 -4.49 35.23
C LYS B 220 -1.64 -4.26 36.28
N ALA B 221 -1.84 -3.03 36.73
CA ALA B 221 -2.93 -2.77 37.66
C ALA B 221 -4.25 -3.00 37.03
N ILE B 222 -4.33 -2.87 35.71
CA ILE B 222 -5.59 -3.07 35.01
C ILE B 222 -5.72 -4.51 34.50
N ASP B 223 -4.61 -5.11 34.08
CA ASP B 223 -4.67 -6.45 33.55
C ASP B 223 -3.42 -7.11 33.94
N ALA B 224 -3.42 -7.84 35.06
CA ALA B 224 -2.19 -8.43 35.50
C ALA B 224 -1.70 -9.58 34.59
N GLY B 225 -2.59 -10.16 33.79
CA GLY B 225 -2.16 -11.21 32.79
C GLY B 225 -1.49 -10.74 31.47
N ALA B 226 -1.69 -9.45 31.12
CA ALA B 226 -1.15 -8.91 29.88
C ALA B 226 0.36 -9.01 29.91
N GLU B 227 1.00 -9.36 28.78
CA GLU B 227 2.43 -9.40 28.69
C GLU B 227 2.97 -8.04 28.24
N VAL B 228 4.03 -7.60 28.91
CA VAL B 228 4.61 -6.27 28.71
C VAL B 228 5.92 -6.49 28.04
N PHE B 229 6.07 -5.86 26.87
CA PHE B 229 7.28 -6.05 26.08
C PHE B 229 8.17 -4.76 26.12
N GLY B 230 9.49 -4.92 26.22
CA GLY B 230 10.42 -3.85 26.24
C GLY B 230 11.80 -4.40 26.07
N PRO B 231 12.77 -3.54 25.72
CA PRO B 231 12.55 -2.13 25.55
C PRO B 231 12.37 -1.68 24.10
N VAL B 232 12.16 -2.64 23.18
CA VAL B 232 11.82 -2.37 21.77
C VAL B 232 12.99 -1.65 21.14
N LEU B 233 14.20 -2.18 21.37
CA LEU B 233 15.42 -1.49 20.96
C LEU B 233 15.59 -1.63 19.46
N TYR B 234 16.07 -0.57 18.83
CA TYR B 234 16.08 -0.53 17.36
C TYR B 234 17.11 -1.36 16.66
N GLY B 235 18.24 -1.62 17.30
CA GLY B 235 19.38 -2.23 16.63
C GLY B 235 20.52 -2.29 17.63
N PHE B 236 21.69 -2.76 17.20
CA PHE B 236 22.83 -2.93 18.07
C PHE B 236 23.27 -1.72 18.92
N GLY B 237 23.45 -0.56 18.29
CA GLY B 237 23.92 0.64 18.98
C GLY B 237 23.08 0.91 20.22
N ALA B 238 21.84 0.47 20.18
CA ALA B 238 21.00 0.65 21.34
C ALA B 238 21.17 -0.52 22.31
N TYR B 239 21.41 -1.75 21.82
CA TYR B 239 21.70 -2.91 22.68
C TYR B 239 22.92 -2.58 23.57
N LYS B 240 23.96 -2.05 22.91
CA LYS B 240 25.23 -1.75 23.58
C LYS B 240 25.16 -0.64 24.63
N ASP B 241 24.82 0.58 24.23
CA ASP B 241 24.85 1.72 25.17
C ASP B 241 23.63 2.69 25.11
N LEU B 242 22.46 2.13 24.73
CA LEU B 242 21.22 2.92 24.50
C LEU B 242 21.61 4.13 23.65
N GLN B 243 22.37 3.85 22.60
CA GLN B 243 22.85 4.85 21.65
C GLN B 243 23.64 6.01 22.24
N THR B 244 24.61 5.70 23.16
CA THR B 244 25.38 6.73 23.88
C THR B 244 24.51 7.50 24.88
N ALA B 245 23.65 6.81 25.62
CA ALA B 245 22.86 7.55 26.59
C ALA B 245 23.75 8.40 27.50
N PRO B 246 23.33 9.65 27.75
CA PRO B 246 24.32 10.56 28.39
C PRO B 246 24.77 10.11 29.81
N ASP B 247 23.86 9.47 30.58
CA ASP B 247 24.21 8.87 31.86
C ASP B 247 24.80 7.44 31.77
N TRP B 248 25.28 7.03 30.61
CA TRP B 248 25.66 5.63 30.53
C TRP B 248 26.72 5.22 31.58
N ASP B 249 27.80 5.98 31.64
CA ASP B 249 28.96 5.64 32.47
C ASP B 249 28.58 5.73 33.92
N SER B 250 27.97 6.85 34.29
CA SER B 250 27.35 7.02 35.57
C SER B 250 26.69 5.71 36.09
N VAL B 251 26.18 4.83 35.20
CA VAL B 251 25.30 3.67 35.60
C VAL B 251 25.77 2.26 35.21
N LYS B 252 26.70 2.16 34.26
CA LYS B 252 27.06 0.87 33.70
C LYS B 252 27.84 -0.14 34.55
N GLY B 253 28.16 0.23 35.80
CA GLY B 253 28.92 -0.63 36.71
C GLY B 253 29.74 -1.72 36.04
N ASN B 254 29.38 -2.98 36.38
CA ASN B 254 30.06 -4.18 35.86
C ASN B 254 29.48 -4.68 34.50
N TYR B 255 28.29 -4.15 34.18
CA TYR B 255 27.41 -4.67 33.11
C TYR B 255 28.12 -4.71 31.81
N SER B 256 27.93 -5.79 31.05
CA SER B 256 28.59 -5.92 29.73
C SER B 256 27.92 -5.02 28.63
N TRP B 257 26.64 -4.67 28.81
CA TRP B 257 25.88 -3.81 27.86
C TRP B 257 24.52 -3.38 28.39
N PHE B 258 23.90 -2.42 27.71
CA PHE B 258 22.66 -1.85 28.21
C PHE B 258 21.62 -2.97 28.48
N VAL B 259 21.71 -4.04 27.70
CA VAL B 259 20.79 -5.17 27.82
C VAL B 259 20.76 -5.67 29.27
N ASP B 260 21.95 -5.94 29.80
CA ASP B 260 22.10 -6.40 31.18
C ASP B 260 21.52 -5.38 32.18
N TYR B 261 21.88 -4.11 31.99
CA TYR B 261 21.42 -3.04 32.88
C TYR B 261 19.90 -3.08 32.99
N TYR B 262 19.29 -3.03 31.82
CA TYR B 262 17.85 -3.00 31.68
C TYR B 262 17.21 -4.20 32.36
N LEU B 263 17.67 -5.37 31.97
CA LEU B 263 17.23 -6.66 32.59
C LEU B 263 17.27 -6.60 34.12
N ASP B 264 18.44 -6.25 34.65
CA ASP B 264 18.59 -6.24 36.13
C ASP B 264 17.70 -5.23 36.81
N GLN B 265 17.62 -3.99 36.26
CA GLN B 265 16.86 -2.93 36.91
C GLN B 265 15.36 -3.17 36.87
N MET B 266 14.91 -3.75 35.76
CA MET B 266 13.52 -4.17 35.67
C MET B 266 13.24 -5.31 36.69
N ARG B 267 14.12 -6.29 36.76
CA ARG B 267 14.00 -7.28 37.86
C ARG B 267 13.94 -6.62 39.25
N LEU B 268 14.97 -5.83 39.59
CA LEU B 268 14.98 -5.15 40.89
C LEU B 268 13.68 -4.43 41.09
N SER B 269 13.18 -3.72 40.07
CA SER B 269 12.04 -2.90 40.37
C SER B 269 10.78 -3.71 40.52
N SER B 270 10.74 -4.82 39.78
CA SER B 270 9.63 -5.80 39.88
C SER B 270 9.62 -6.36 41.33
N GLN B 271 10.80 -6.73 41.78
CA GLN B 271 10.99 -7.13 43.18
C GLN B 271 10.36 -6.09 44.13
N VAL B 272 10.80 -4.83 44.04
CA VAL B 272 10.27 -3.84 44.95
C VAL B 272 8.74 -3.80 44.86
N GLU B 273 8.20 -3.82 43.64
CA GLU B 273 6.76 -3.64 43.46
C GLU B 273 5.96 -4.93 43.76
N GLY B 274 6.64 -6.06 43.64
CA GLY B 274 6.02 -7.35 43.92
C GLY B 274 5.14 -7.90 42.80
N LYS B 275 5.33 -7.45 41.55
CA LYS B 275 4.74 -8.05 40.34
C LYS B 275 5.88 -8.19 39.33
N ARG B 276 5.75 -9.02 38.31
CA ARG B 276 6.78 -9.04 37.22
C ARG B 276 6.45 -7.81 36.34
N LEU B 277 7.41 -7.01 35.91
CA LEU B 277 6.96 -5.87 35.08
C LEU B 277 7.54 -5.89 33.69
N LEU B 278 8.56 -6.72 33.46
CA LEU B 278 8.94 -7.11 32.11
C LEU B 278 8.65 -8.60 31.85
N ASP B 279 7.83 -8.94 30.83
CA ASP B 279 7.50 -10.35 30.47
C ASP B 279 8.29 -10.82 29.29
N VAL B 280 8.51 -9.93 28.32
CA VAL B 280 9.29 -10.28 27.12
C VAL B 280 10.37 -9.21 26.81
N PHE B 281 11.61 -9.65 26.57
CA PHE B 281 12.64 -8.76 26.12
C PHE B 281 12.54 -8.61 24.61
N ASP B 282 12.50 -7.35 24.16
CA ASP B 282 12.02 -6.94 22.80
C ASP B 282 13.08 -6.07 22.08
N VAL B 283 13.68 -6.63 21.04
CA VAL B 283 14.58 -5.93 20.15
C VAL B 283 14.07 -5.91 18.67
N HIS B 284 14.55 -4.95 17.88
CA HIS B 284 14.29 -4.96 16.44
C HIS B 284 15.61 -5.30 15.87
N TRP B 285 15.60 -5.83 14.67
CA TRP B 285 16.86 -6.25 14.05
C TRP B 285 16.87 -6.11 12.54
N TYR B 286 17.53 -5.07 12.04
CA TYR B 286 17.64 -4.89 10.60
C TYR B 286 19.08 -5.18 10.14
N PRO B 287 19.32 -6.35 9.53
CA PRO B 287 20.75 -6.65 9.27
C PRO B 287 21.54 -5.43 8.72
N GLU B 288 22.78 -5.22 9.22
CA GLU B 288 23.75 -4.27 8.62
C GLU B 288 24.61 -4.98 7.60
N ALA B 289 24.39 -6.27 7.42
CA ALA B 289 25.20 -7.07 6.48
C ALA B 289 25.32 -6.38 5.10
N MET B 290 26.53 -6.44 4.53
CA MET B 290 26.85 -5.87 3.23
C MET B 290 27.21 -6.95 2.22
N GLY B 291 26.94 -6.65 0.95
CA GLY B 291 27.31 -7.50 -0.17
C GLY B 291 27.30 -6.65 -1.42
N GLY B 292 28.34 -6.81 -2.24
CA GLY B 292 28.46 -6.06 -3.49
C GLY B 292 28.36 -4.57 -3.27
N GLY B 293 28.74 -4.13 -2.08
CA GLY B 293 28.71 -2.71 -1.74
C GLY B 293 27.36 -2.17 -1.27
N ILE B 294 26.39 -3.06 -0.98
CA ILE B 294 25.04 -2.66 -0.50
C ILE B 294 24.49 -3.44 0.72
N ARG B 295 23.99 -2.71 1.72
CA ARG B 295 23.27 -3.27 2.86
C ARG B 295 22.03 -4.07 2.38
N ILE B 296 21.89 -5.33 2.80
CA ILE B 296 20.84 -6.19 2.23
C ILE B 296 19.39 -5.70 2.44
N THR B 297 19.18 -4.82 3.42
CA THR B 297 17.91 -4.19 3.69
C THR B 297 17.53 -3.01 2.76
N ASN B 298 18.50 -2.47 2.06
CA ASN B 298 18.25 -1.23 1.31
C ASN B 298 17.62 -1.48 -0.05
N GLU B 299 18.08 -2.53 -0.72
CA GLU B 299 17.54 -2.95 -2.03
C GLU B 299 18.05 -4.37 -2.40
N VAL B 300 17.45 -5.02 -3.41
CA VAL B 300 17.84 -6.39 -3.77
C VAL B 300 19.34 -6.51 -4.13
N GLY B 301 19.80 -5.60 -4.99
CA GLY B 301 21.21 -5.41 -5.30
C GLY B 301 21.69 -6.43 -6.31
N ASN B 302 22.98 -6.78 -6.29
CA ASN B 302 23.61 -7.69 -7.26
C ASN B 302 23.89 -9.05 -6.62
N ASP B 303 24.58 -9.91 -7.37
CA ASP B 303 24.78 -11.30 -6.94
C ASP B 303 25.39 -11.33 -5.56
N GLU B 304 26.22 -10.33 -5.30
CA GLU B 304 27.00 -10.31 -4.07
C GLU B 304 26.20 -9.77 -2.89
N THR B 305 25.48 -8.68 -3.11
CA THR B 305 24.37 -8.34 -2.23
C THR B 305 23.46 -9.58 -1.95
N LYS B 306 23.12 -10.32 -2.99
CA LYS B 306 22.18 -11.43 -2.82
C LYS B 306 22.78 -12.61 -2.08
N LYS B 307 24.02 -12.96 -2.42
CA LYS B 307 24.76 -14.00 -1.70
C LYS B 307 24.79 -13.66 -0.22
N ALA B 308 25.17 -12.43 0.08
CA ALA B 308 25.22 -11.87 1.43
C ALA B 308 23.88 -11.98 2.15
N ARG B 309 22.79 -11.62 1.46
CA ARG B 309 21.41 -11.70 2.01
C ARG B 309 21.15 -13.15 2.48
N MET B 310 21.55 -14.12 1.68
CA MET B 310 21.21 -15.50 2.00
C MET B 310 22.09 -16.12 3.11
N GLN B 311 23.26 -15.53 3.37
CA GLN B 311 24.12 -15.87 4.55
C GLN B 311 23.74 -15.18 5.90
N ALA B 312 23.20 -13.98 5.82
CA ALA B 312 23.01 -13.12 6.97
C ALA B 312 22.26 -13.77 8.13
N PRO B 313 21.32 -14.68 7.85
CA PRO B 313 20.69 -15.35 8.98
C PRO B 313 21.67 -16.09 9.90
N ARG B 314 22.89 -16.34 9.43
CA ARG B 314 23.86 -17.00 10.27
C ARG B 314 24.33 -16.10 11.41
N THR B 315 24.42 -14.80 11.15
CA THR B 315 24.69 -13.89 12.27
C THR B 315 23.78 -14.20 13.49
N LEU B 316 22.68 -14.90 13.27
CA LEU B 316 21.70 -15.14 14.33
C LEU B 316 22.09 -16.26 15.30
N TRP B 317 22.78 -17.28 14.80
CA TRP B 317 23.00 -18.52 15.54
C TRP B 317 24.45 -19.10 15.41
N ASP B 318 25.15 -18.75 14.33
CA ASP B 318 26.33 -19.47 13.92
C ASP B 318 27.62 -18.87 14.46
N PRO B 319 28.17 -19.49 15.53
CA PRO B 319 29.39 -19.03 16.20
C PRO B 319 30.52 -18.80 15.22
N THR B 320 30.44 -19.47 14.08
CA THR B 320 31.54 -19.50 13.14
C THR B 320 31.49 -18.47 12.00
N TYR B 321 30.47 -17.60 12.00
CA TYR B 321 30.24 -16.73 10.82
C TYR B 321 30.52 -15.22 11.03
N LYS B 322 31.31 -14.61 10.17
CA LYS B 322 31.61 -13.21 10.40
C LYS B 322 31.12 -12.44 9.19
N GLU B 323 29.92 -11.84 9.32
CA GLU B 323 29.31 -11.13 8.17
C GLU B 323 30.08 -9.83 7.94
N ASP B 324 29.87 -9.21 6.80
CA ASP B 324 30.57 -7.97 6.50
C ASP B 324 29.77 -6.77 7.06
N SER B 325 30.03 -6.37 8.32
CA SER B 325 29.39 -5.18 8.91
C SER B 325 29.98 -4.60 10.17
N TRP B 326 29.74 -3.31 10.41
CA TRP B 326 30.31 -2.67 11.60
C TRP B 326 30.03 -3.40 12.91
N ILE B 327 28.93 -4.14 12.97
CA ILE B 327 28.59 -4.87 14.18
C ILE B 327 29.59 -6.02 14.36
N ALA B 328 29.85 -6.74 13.28
CA ALA B 328 30.73 -7.88 13.33
C ALA B 328 32.20 -7.43 13.51
N GLN B 329 32.61 -6.46 12.69
CA GLN B 329 33.96 -5.89 12.72
C GLN B 329 34.42 -5.38 14.12
N TRP B 330 33.63 -4.55 14.78
CA TRP B 330 34.07 -3.97 16.03
C TRP B 330 33.38 -4.58 17.23
N PHE B 331 32.47 -5.54 17.02
CA PHE B 331 31.73 -6.09 18.17
C PHE B 331 31.37 -7.56 18.07
N SER B 332 32.14 -8.34 17.30
CA SER B 332 31.87 -9.79 17.11
C SER B 332 31.70 -10.55 18.42
N GLU B 333 32.32 -10.08 19.49
CA GLU B 333 32.13 -10.67 20.80
C GLU B 333 30.62 -10.78 21.20
N PHE B 334 29.76 -10.04 20.50
CA PHE B 334 28.29 -10.09 20.71
C PHE B 334 27.43 -11.01 19.78
N LEU B 335 28.06 -11.59 18.76
CA LEU B 335 27.41 -12.50 17.81
C LEU B 335 27.89 -13.94 18.00
N PRO B 336 27.04 -14.94 17.74
CA PRO B 336 25.71 -14.90 17.15
C PRO B 336 24.68 -14.29 18.10
N ILE B 337 23.85 -13.39 17.56
CA ILE B 337 23.16 -12.49 18.42
C ILE B 337 22.07 -13.16 19.24
N LEU B 338 21.42 -14.20 18.71
CA LEU B 338 20.35 -14.82 19.53
C LEU B 338 20.87 -15.54 20.81
N PRO B 339 21.93 -16.37 20.69
CA PRO B 339 22.47 -16.95 21.94
C PRO B 339 22.85 -15.86 22.97
N ARG B 340 23.63 -14.86 22.54
CA ARG B 340 24.04 -13.76 23.40
C ARG B 340 22.88 -13.09 24.11
N LEU B 341 21.78 -12.85 23.41
CA LEU B 341 20.65 -12.22 24.06
C LEU B 341 20.03 -13.18 25.09
N LYS B 342 19.89 -14.45 24.69
CA LYS B 342 19.32 -15.49 25.56
C LYS B 342 20.17 -15.62 26.87
N GLN B 343 21.50 -15.63 26.70
CA GLN B 343 22.46 -15.56 27.82
C GLN B 343 22.11 -14.42 28.82
N SER B 344 21.92 -13.19 28.33
CA SER B 344 21.62 -12.07 29.23
C SER B 344 20.25 -12.26 29.86
N VAL B 345 19.29 -12.74 29.09
CA VAL B 345 17.89 -12.76 29.55
C VAL B 345 17.65 -13.71 30.73
N ASP B 346 18.23 -14.92 30.61
CA ASP B 346 18.05 -16.01 31.60
C ASP B 346 18.91 -15.71 32.86
N LYS B 347 20.07 -15.08 32.64
CA LYS B 347 20.89 -14.58 33.74
C LYS B 347 20.23 -13.41 34.52
N TYR B 348 20.03 -12.26 33.87
CA TYR B 348 19.70 -11.10 34.62
C TYR B 348 18.24 -10.97 34.84
N TYR B 349 17.45 -11.75 34.15
CA TYR B 349 16.04 -11.82 34.54
C TYR B 349 15.43 -13.15 34.10
N PRO B 350 15.88 -14.25 34.71
CA PRO B 350 15.52 -15.59 34.27
C PRO B 350 14.01 -15.68 34.23
N GLY B 351 13.50 -16.36 33.19
CA GLY B 351 12.03 -16.52 33.05
C GLY B 351 11.41 -15.54 32.08
N THR B 352 12.23 -14.60 31.63
CA THR B 352 11.75 -13.53 30.75
C THR B 352 11.87 -14.03 29.31
N LYS B 353 10.86 -13.76 28.49
CA LYS B 353 10.91 -14.31 27.12
C LYS B 353 11.71 -13.38 26.17
N LEU B 354 11.95 -13.85 24.96
CA LEU B 354 12.66 -13.09 23.93
C LEU B 354 11.85 -12.92 22.62
N ALA B 355 11.73 -11.66 22.12
CA ALA B 355 11.01 -11.36 20.87
C ALA B 355 11.76 -10.45 19.91
N MET B 356 11.66 -10.74 18.61
CA MET B 356 12.24 -9.87 17.57
C MET B 356 11.10 -9.17 16.86
N THR B 357 10.71 -8.01 17.39
CA THR B 357 9.43 -7.45 16.95
C THR B 357 9.43 -6.63 15.66
N SER B 358 10.56 -6.54 14.95
CA SER B 358 10.60 -5.79 13.74
C SER B 358 11.88 -6.16 13.07
N TYR B 359 11.80 -6.73 11.88
CA TYR B 359 13.03 -7.17 11.18
C TYR B 359 12.72 -7.36 9.72
N SER B 360 13.76 -7.36 8.89
CA SER B 360 13.59 -7.76 7.49
C SER B 360 14.97 -8.03 6.89
N TYR B 361 15.04 -9.00 5.99
CA TYR B 361 16.28 -9.28 5.24
C TYR B 361 16.33 -8.68 3.81
N GLY B 362 15.26 -8.01 3.41
CA GLY B 362 15.25 -7.39 2.08
C GLY B 362 15.01 -8.42 1.00
N GLY B 363 15.31 -8.02 -0.25
CA GLY B 363 14.94 -8.82 -1.45
C GLY B 363 13.55 -9.39 -1.36
N GLU B 364 12.57 -8.53 -1.02
CA GLU B 364 11.15 -9.00 -0.79
C GLU B 364 10.49 -9.76 -1.97
N ASN B 365 10.87 -9.33 -3.17
CA ASN B 365 10.40 -9.97 -4.42
C ASN B 365 11.52 -10.71 -5.16
N ASP B 366 12.48 -11.28 -4.42
CA ASP B 366 13.62 -12.03 -5.00
C ASP B 366 13.73 -13.38 -4.27
N ILE B 367 14.21 -14.40 -4.95
CA ILE B 367 14.46 -15.70 -4.29
C ILE B 367 15.49 -15.54 -3.15
N SER B 368 16.49 -14.67 -3.29
CA SER B 368 17.43 -14.40 -2.20
C SER B 368 16.69 -14.04 -0.91
N GLY B 369 15.68 -13.17 -0.99
CA GLY B 369 14.91 -12.81 0.20
C GLY B 369 14.08 -13.98 0.72
N GLY B 370 13.67 -14.87 -0.18
CA GLY B 370 12.74 -15.95 0.19
C GLY B 370 13.48 -16.99 1.00
N ILE B 371 14.68 -17.32 0.52
CA ILE B 371 15.59 -18.26 1.13
C ILE B 371 16.02 -17.73 2.51
N ALA B 372 16.52 -16.49 2.56
CA ALA B 372 16.91 -15.87 3.83
C ALA B 372 15.77 -16.06 4.84
N MET B 373 14.56 -15.74 4.44
CA MET B 373 13.44 -15.86 5.37
C MET B 373 13.07 -17.32 5.72
N THR B 374 13.14 -18.26 4.79
CA THR B 374 12.80 -19.65 5.14
C THR B 374 13.81 -20.14 6.18
N ASP B 375 15.04 -19.64 6.09
CA ASP B 375 16.05 -19.93 7.08
C ASP B 375 15.75 -19.23 8.37
N VAL B 376 15.52 -17.92 8.30
CA VAL B 376 15.33 -17.17 9.51
C VAL B 376 14.21 -17.82 10.32
N LEU B 377 13.14 -18.23 9.69
CA LEU B 377 12.01 -18.78 10.47
C LEU B 377 12.40 -20.11 11.18
N GLY B 378 13.35 -20.81 10.59
CA GLY B 378 13.80 -22.08 11.16
C GLY B 378 14.64 -21.85 12.41
N ILE B 379 15.60 -20.94 12.27
CA ILE B 379 16.48 -20.45 13.34
C ILE B 379 15.67 -19.94 14.57
N LEU B 380 14.60 -19.18 14.32
CA LEU B 380 13.76 -18.64 15.38
C LEU B 380 13.09 -19.76 16.18
N GLY B 381 12.67 -20.83 15.49
CA GLY B 381 11.85 -21.85 16.11
C GLY B 381 12.66 -22.58 17.16
N LYS B 382 13.88 -22.94 16.75
CA LYS B 382 14.77 -23.72 17.57
C LYS B 382 15.75 -22.93 18.47
N ASN B 383 15.57 -21.61 18.57
CA ASN B 383 16.30 -20.82 19.59
C ASN B 383 15.35 -20.22 20.59
N ASP B 384 14.21 -20.91 20.77
CA ASP B 384 13.30 -20.63 21.85
C ASP B 384 12.90 -19.13 21.83
N VAL B 385 12.84 -18.54 20.63
CA VAL B 385 12.35 -17.17 20.43
C VAL B 385 10.85 -17.21 20.57
N TYR B 386 10.28 -16.41 21.44
CA TYR B 386 8.85 -16.48 21.69
C TYR B 386 7.96 -15.89 20.59
N MET B 387 8.46 -14.84 19.96
CA MET B 387 7.65 -14.01 19.04
C MET B 387 8.57 -13.30 18.05
N ALA B 388 8.11 -13.16 16.81
CA ALA B 388 8.92 -12.49 15.80
C ALA B 388 7.99 -11.93 14.70
N ASN B 389 8.22 -10.67 14.32
CA ASN B 389 7.28 -9.95 13.49
C ASN B 389 8.02 -9.29 12.36
N TYR B 390 7.80 -9.82 11.15
CA TYR B 390 8.27 -9.21 9.93
C TYR B 390 7.93 -7.68 9.79
N TRP B 391 8.86 -6.92 9.22
CA TRP B 391 8.52 -5.50 8.88
C TRP B 391 8.71 -5.22 7.38
N LYS B 392 7.76 -4.57 6.71
CA LYS B 392 7.85 -4.34 5.25
C LYS B 392 8.67 -3.09 4.98
N LEU B 393 9.86 -3.27 4.41
CA LEU B 393 10.67 -2.12 4.17
C LEU B 393 10.38 -1.65 2.72
N LYS B 394 9.71 -2.50 1.92
CA LYS B 394 9.24 -2.12 0.58
C LYS B 394 7.70 -2.29 0.54
N ASP B 395 7.01 -1.25 0.05
CA ASP B 395 5.56 -1.27 -0.23
C ASP B 395 5.13 -2.25 -1.36
N GLY B 396 3.83 -2.44 -1.49
CA GLY B 396 3.32 -3.37 -2.51
C GLY B 396 3.65 -4.77 -2.09
N VAL B 397 3.56 -5.72 -3.02
CA VAL B 397 3.74 -7.13 -2.70
C VAL B 397 5.16 -7.49 -2.31
N ASN B 398 5.26 -8.47 -1.41
CA ASN B 398 6.51 -9.04 -0.94
C ASN B 398 6.39 -10.52 -1.25
N ASN B 399 6.39 -10.87 -2.52
CA ASN B 399 6.05 -12.22 -2.94
C ASN B 399 6.89 -13.29 -2.24
N TYR B 400 8.19 -13.03 -2.10
CA TYR B 400 9.06 -14.12 -1.68
C TYR B 400 9.07 -14.27 -0.16
N VAL B 401 8.76 -13.16 0.55
CA VAL B 401 8.57 -13.18 1.99
C VAL B 401 7.31 -13.97 2.27
N SER B 402 6.26 -13.65 1.53
CA SER B 402 4.98 -14.32 1.69
C SER B 402 5.12 -15.85 1.44
N ALA B 403 5.94 -16.20 0.46
CA ALA B 403 6.28 -17.56 0.13
C ALA B 403 6.99 -18.31 1.31
N ALA B 404 8.02 -17.68 1.89
CA ALA B 404 8.64 -18.22 3.10
C ALA B 404 7.61 -18.52 4.16
N TYR B 405 6.74 -17.54 4.51
CA TYR B 405 5.67 -17.85 5.49
C TYR B 405 4.78 -19.01 5.08
N LYS B 406 4.39 -19.08 3.80
CA LYS B 406 3.52 -20.17 3.36
C LYS B 406 4.18 -21.53 3.36
N LEU B 407 5.46 -21.57 3.04
CA LEU B 407 6.20 -22.81 3.15
C LEU B 407 6.10 -23.45 4.55
N TYR B 408 6.05 -22.62 5.59
CA TYR B 408 6.01 -23.10 6.97
C TYR B 408 4.61 -23.20 7.44
N ARG B 409 3.71 -22.42 6.87
CA ARG B 409 2.43 -22.29 7.56
C ARG B 409 1.17 -22.56 6.71
N ASN B 410 1.38 -22.71 5.41
CA ASN B 410 0.29 -23.03 4.51
C ASN B 410 0.90 -23.55 3.21
N TYR B 411 1.67 -24.63 3.32
CA TYR B 411 2.45 -25.06 2.17
C TYR B 411 1.57 -25.69 1.03
N ASP B 412 0.33 -26.06 1.35
CA ASP B 412 -0.45 -26.94 0.50
C ASP B 412 -1.76 -26.30 0.11
N GLY B 413 -1.98 -25.06 0.52
CA GLY B 413 -3.22 -24.41 0.18
C GLY B 413 -4.31 -24.62 1.20
N LYS B 414 -4.07 -25.49 2.19
CA LYS B 414 -5.12 -25.87 3.17
C LYS B 414 -4.61 -25.59 4.58
N ASN B 415 -3.58 -24.75 4.68
CA ASN B 415 -3.01 -24.39 5.97
C ASN B 415 -2.33 -25.51 6.73
N SER B 416 -1.65 -26.44 6.07
CA SER B 416 -0.85 -27.44 6.78
C SER B 416 0.40 -26.70 7.16
N THR B 417 1.02 -27.13 8.25
CA THR B 417 2.06 -26.32 8.90
C THR B 417 3.28 -27.19 9.15
N PHE B 418 4.43 -26.54 9.29
CA PHE B 418 5.56 -27.11 9.99
C PHE B 418 5.02 -27.55 11.34
N GLY B 419 5.76 -28.42 12.02
CA GLY B 419 5.23 -29.07 13.27
C GLY B 419 5.50 -28.16 14.46
N ASP B 420 4.81 -28.38 15.59
CA ASP B 420 4.96 -27.48 16.73
C ASP B 420 6.12 -27.86 17.65
N THR B 421 6.88 -28.85 17.25
CA THR B 421 7.97 -29.36 18.06
C THR B 421 9.21 -29.50 17.24
N SER B 422 10.20 -28.71 17.60
CA SER B 422 11.47 -28.77 16.95
C SER B 422 12.15 -30.06 17.34
N VAL B 423 12.93 -30.59 16.41
CA VAL B 423 13.83 -31.71 16.73
C VAL B 423 15.13 -31.35 16.07
N SER B 424 16.14 -32.20 16.26
CA SER B 424 17.51 -31.86 15.91
C SER B 424 17.79 -32.12 14.45
N ALA B 425 18.56 -31.25 13.80
CA ALA B 425 18.86 -31.46 12.38
C ALA B 425 20.20 -30.88 12.03
N GLN B 426 21.05 -31.65 11.36
CA GLN B 426 22.39 -31.15 11.06
C GLN B 426 22.68 -31.40 9.60
N THR B 427 23.44 -30.49 8.97
CA THR B 427 23.85 -30.67 7.59
C THR B 427 25.36 -30.57 7.50
N SER B 428 25.97 -31.19 6.47
CA SER B 428 27.43 -31.14 6.28
C SER B 428 27.93 -29.82 5.66
N ASP B 429 27.01 -29.05 5.10
CA ASP B 429 27.36 -27.79 4.45
C ASP B 429 26.40 -26.65 4.87
N ILE B 430 26.94 -25.79 5.73
CA ILE B 430 26.21 -24.70 6.35
C ILE B 430 26.26 -23.39 5.53
N VAL B 431 27.14 -23.35 4.51
CA VAL B 431 27.28 -22.22 3.60
C VAL B 431 26.20 -22.38 2.50
N ASN B 432 26.26 -23.52 1.79
CA ASN B 432 25.38 -23.83 0.65
C ASN B 432 24.04 -24.38 1.04
N SER B 433 23.87 -24.78 2.29
CA SER B 433 22.55 -25.30 2.67
C SER B 433 22.15 -24.88 4.07
N SER B 434 20.86 -25.08 4.38
CA SER B 434 20.35 -25.05 5.74
C SER B 434 19.26 -26.11 5.82
N VAL B 435 18.93 -26.51 7.05
CA VAL B 435 17.85 -27.49 7.29
C VAL B 435 17.26 -27.29 8.67
N HIS B 436 15.98 -27.56 8.83
CA HIS B 436 15.33 -27.43 10.12
C HIS B 436 14.32 -28.54 10.08
N ALA B 437 14.13 -29.24 11.22
CA ALA B 437 13.24 -30.42 11.29
C ALA B 437 12.16 -30.32 12.40
N SER B 438 11.02 -31.00 12.28
CA SER B 438 9.99 -30.90 13.33
C SER B 438 8.99 -32.01 13.24
N VAL B 439 8.20 -32.22 14.32
CA VAL B 439 7.12 -33.24 14.41
C VAL B 439 5.93 -32.58 15.05
N THR B 440 4.71 -33.08 14.86
CA THR B 440 3.55 -32.59 15.65
C THR B 440 3.60 -33.25 17.02
N ASN B 441 2.64 -32.95 17.89
CA ASN B 441 2.74 -33.40 19.29
C ASN B 441 2.27 -34.85 19.52
N GLU B 446 4.45 -37.74 11.34
CA GLU B 446 4.87 -36.85 10.22
C GLU B 446 6.16 -36.13 10.59
N LEU B 447 7.26 -36.44 9.93
CA LEU B 447 8.49 -35.67 10.09
C LEU B 447 8.49 -34.62 9.00
N HIS B 448 8.61 -33.36 9.40
CA HIS B 448 8.62 -32.21 8.51
C HIS B 448 10.05 -31.74 8.44
N LEU B 449 10.62 -31.69 7.25
CA LEU B 449 11.96 -31.18 7.09
C LEU B 449 11.87 -30.05 6.09
N VAL B 450 12.42 -28.88 6.43
CA VAL B 450 12.55 -27.75 5.48
C VAL B 450 14.00 -27.67 5.16
N VAL B 451 14.35 -27.74 3.89
CA VAL B 451 15.75 -27.71 3.45
C VAL B 451 15.88 -26.71 2.31
N MET B 452 17.02 -26.06 2.21
CA MET B 452 17.16 -25.08 1.17
C MET B 452 18.58 -25.03 0.57
N ASN B 453 18.66 -24.70 -0.72
CA ASN B 453 19.94 -24.56 -1.36
C ASN B 453 20.32 -23.11 -1.71
N LYS B 454 21.21 -22.52 -0.92
CA LYS B 454 21.70 -21.12 -1.14
C LYS B 454 22.73 -20.89 -2.26
N SER B 455 23.14 -21.94 -2.96
CA SER B 455 24.06 -21.75 -4.07
C SER B 455 23.37 -21.04 -5.24
N MET B 456 24.05 -20.08 -5.88
CA MET B 456 23.52 -19.46 -7.12
C MET B 456 23.48 -20.40 -8.33
N ASP B 457 24.46 -21.31 -8.45
CA ASP B 457 24.68 -22.09 -9.70
C ASP B 457 24.68 -23.65 -9.63
N SER B 458 25.09 -24.21 -8.51
CA SER B 458 25.25 -25.66 -8.38
C SER B 458 24.14 -26.27 -7.53
N ALA B 459 23.52 -27.32 -8.06
CA ALA B 459 22.62 -28.18 -7.29
C ALA B 459 23.43 -29.09 -6.36
N PHE B 460 22.74 -29.85 -5.53
CA PHE B 460 23.39 -30.85 -4.75
C PHE B 460 22.38 -31.95 -4.38
N ASP B 461 22.84 -33.20 -4.43
CA ASP B 461 22.06 -34.34 -3.94
C ASP B 461 22.20 -34.35 -2.40
N ALA B 462 21.11 -34.52 -1.67
CA ALA B 462 21.20 -34.49 -0.21
C ALA B 462 20.87 -35.85 0.39
N GLN B 463 21.88 -36.39 1.10
CA GLN B 463 21.74 -37.68 1.82
C GLN B 463 21.11 -37.53 3.21
N PHE B 464 19.93 -38.10 3.36
CA PHE B 464 19.16 -38.02 4.62
C PHE B 464 19.25 -39.29 5.52
N ASP B 465 20.00 -39.23 6.64
CA ASP B 465 19.95 -40.30 7.67
C ASP B 465 18.94 -39.94 8.78
N LEU B 466 17.77 -40.59 8.77
CA LEU B 466 16.77 -40.39 9.81
C LEU B 466 16.88 -41.32 11.07
N SER B 467 17.64 -40.90 12.09
CA SER B 467 17.72 -41.60 13.41
C SER B 467 16.52 -41.26 14.26
N GLY B 468 15.93 -42.25 14.92
CA GLY B 468 14.73 -41.98 15.68
C GLY B 468 13.74 -43.11 15.76
N ALA B 469 12.75 -42.90 16.62
CA ALA B 469 11.86 -43.97 17.11
C ALA B 469 11.05 -44.70 16.04
N LYS B 470 10.63 -43.99 15.01
CA LYS B 470 9.76 -44.65 14.03
C LYS B 470 10.53 -44.88 12.73
N THR B 471 9.97 -45.76 11.89
CA THR B 471 10.52 -46.06 10.55
C THR B 471 9.65 -45.41 9.44
N TYR B 472 10.23 -44.42 8.74
CA TYR B 472 9.48 -43.61 7.72
C TYR B 472 9.28 -44.26 6.30
N ILE B 473 8.02 -44.59 5.96
CA ILE B 473 7.63 -45.17 4.63
C ILE B 473 7.89 -44.25 3.38
N SER B 474 7.12 -43.15 3.26
CA SER B 474 7.15 -42.25 2.09
C SER B 474 7.34 -40.72 2.38
N GLY B 475 7.20 -39.90 1.33
CA GLY B 475 7.34 -38.45 1.48
C GLY B 475 6.78 -37.63 0.34
N LYS B 476 6.03 -36.57 0.67
CA LYS B 476 5.56 -35.58 -0.30
C LYS B 476 6.49 -34.37 -0.15
N VAL B 477 6.63 -33.55 -1.18
CA VAL B 477 7.59 -32.42 -1.19
C VAL B 477 6.97 -31.19 -1.88
N TRP B 478 7.21 -30.01 -1.28
CA TRP B 478 6.65 -28.74 -1.75
C TRP B 478 7.70 -27.64 -1.80
N GLY B 479 7.59 -26.67 -2.69
CA GLY B 479 8.71 -25.75 -2.74
C GLY B 479 8.54 -24.61 -3.66
N PHE B 480 9.48 -23.68 -3.59
CA PHE B 480 9.58 -22.57 -4.52
C PHE B 480 11.03 -22.34 -4.92
N ASP B 481 11.28 -21.63 -6.03
CA ASP B 481 12.67 -21.49 -6.54
C ASP B 481 12.93 -20.15 -7.25
N LYS B 482 14.03 -20.05 -8.01
CA LYS B 482 14.36 -18.76 -8.64
C LYS B 482 13.27 -18.27 -9.64
N ASN B 483 12.41 -19.19 -10.08
CA ASN B 483 11.48 -18.91 -11.15
C ASN B 483 10.09 -18.54 -10.71
N SER B 484 9.60 -19.15 -9.66
CA SER B 484 8.26 -18.83 -9.15
C SER B 484 8.18 -18.73 -7.63
N SER B 485 7.67 -17.62 -7.13
CA SER B 485 7.35 -17.50 -5.71
C SER B 485 6.19 -18.42 -5.28
N GLN B 486 5.48 -19.07 -6.21
CA GLN B 486 4.34 -19.96 -5.79
C GLN B 486 4.86 -21.30 -5.28
N ILE B 487 4.08 -21.96 -4.42
CA ILE B 487 4.52 -23.22 -3.89
C ILE B 487 3.99 -24.39 -4.72
N LYS B 488 4.91 -25.19 -5.25
CA LYS B 488 4.50 -26.26 -6.17
C LYS B 488 4.83 -27.62 -5.59
N GLU B 489 3.96 -28.58 -5.81
CA GLU B 489 4.24 -29.94 -5.43
C GLU B 489 5.32 -30.66 -6.28
N ALA B 490 6.51 -30.89 -5.70
CA ALA B 490 7.63 -31.51 -6.45
C ALA B 490 7.73 -33.05 -6.29
N ALA B 491 8.86 -33.60 -6.73
CA ALA B 491 9.06 -35.05 -6.77
C ALA B 491 8.76 -35.68 -5.40
N PRO B 492 7.90 -36.72 -5.36
CA PRO B 492 7.77 -37.46 -4.10
C PRO B 492 9.04 -38.26 -3.72
N ILE B 493 9.07 -38.80 -2.49
CA ILE B 493 9.95 -39.93 -2.14
C ILE B 493 8.98 -41.11 -2.03
N THR B 494 9.11 -42.05 -2.97
CA THR B 494 8.09 -43.08 -3.23
C THR B 494 8.38 -44.30 -2.36
N GLN B 495 9.67 -44.49 -2.02
CA GLN B 495 10.13 -45.58 -1.14
C GLN B 495 11.37 -45.21 -0.32
N ILE B 496 11.26 -45.35 1.01
CA ILE B 496 12.37 -45.07 1.95
C ILE B 496 12.89 -46.40 2.55
N SER B 497 14.20 -46.58 2.57
CA SER B 497 14.79 -47.87 2.96
C SER B 497 15.65 -47.68 4.20
N GLY B 498 15.17 -48.26 5.30
CA GLY B 498 15.79 -48.08 6.59
C GLY B 498 16.12 -46.62 6.83
N ASN B 499 15.10 -45.75 6.74
CA ASN B 499 15.23 -44.34 7.18
C ASN B 499 16.42 -43.56 6.53
N ARG B 500 16.82 -43.96 5.32
CA ARG B 500 17.73 -43.17 4.45
C ARG B 500 17.06 -42.85 3.09
N PHE B 501 17.49 -41.73 2.51
CA PHE B 501 17.11 -41.28 1.15
C PHE B 501 18.07 -40.22 0.60
N THR B 502 18.07 -40.08 -0.72
CA THR B 502 18.68 -38.92 -1.35
C THR B 502 17.61 -38.11 -2.10
N TYR B 503 17.86 -36.81 -2.21
CA TYR B 503 16.97 -35.92 -2.94
C TYR B 503 17.75 -34.72 -3.41
N THR B 504 17.79 -34.55 -4.72
CA THR B 504 18.37 -33.37 -5.35
C THR B 504 17.58 -32.07 -5.01
N VAL B 505 18.33 -31.04 -4.65
CA VAL B 505 17.78 -29.73 -4.40
C VAL B 505 18.56 -28.81 -5.36
N PRO B 506 17.87 -28.24 -6.39
CA PRO B 506 18.52 -27.38 -7.40
C PRO B 506 18.99 -26.06 -6.80
N PRO B 507 19.82 -25.28 -7.53
CA PRO B 507 20.20 -23.99 -6.89
C PRO B 507 18.95 -23.07 -6.57
N LEU B 508 19.11 -22.15 -5.62
CA LEU B 508 18.09 -21.15 -5.24
C LEU B 508 16.70 -21.74 -5.12
N THR B 509 16.61 -22.82 -4.35
CA THR B 509 15.39 -23.59 -4.20
C THR B 509 15.15 -23.84 -2.71
N ALA B 510 13.91 -23.88 -2.24
CA ALA B 510 13.59 -24.31 -0.90
C ALA B 510 12.40 -25.27 -0.89
N TYR B 511 12.59 -26.41 -0.20
CA TYR B 511 11.50 -27.40 -0.06
C TYR B 511 11.07 -27.61 1.41
N HIS B 512 9.84 -28.07 1.59
CA HIS B 512 9.32 -28.57 2.84
C HIS B 512 8.96 -30.07 2.56
N ILE B 513 9.82 -30.99 3.05
CA ILE B 513 9.57 -32.43 2.97
C ILE B 513 8.64 -32.92 4.12
N VAL B 514 7.58 -33.62 3.78
CA VAL B 514 6.68 -34.20 4.76
C VAL B 514 6.84 -35.72 4.65
N LEU B 515 7.68 -36.30 5.51
CA LEU B 515 7.82 -37.78 5.60
C LEU B 515 6.75 -38.38 6.49
N THR B 516 6.35 -39.61 6.16
CA THR B 516 5.23 -40.30 6.85
C THR B 516 5.60 -41.75 7.20
N THR B 517 4.77 -42.40 8.00
CA THR B 517 4.85 -43.83 8.27
C THR B 517 3.41 -44.31 8.14
#